data_6P85
#
_entry.id   6P85
#
_cell.length_a   98.911
_cell.length_b   98.911
_cell.length_c   215.312
_cell.angle_alpha   90.000
_cell.angle_beta   90.000
_cell.angle_gamma   120.000
#
_symmetry.space_group_name_H-M   'P 32 2 1'
#
loop_
_entity.id
_entity.type
_entity.pdbx_description
1 polymer 'UDP-3-O-(3-hydroxymyristoyl)glucosamine N-acyltransferase'
2 non-polymer 'MAGNESIUM ION'
3 non-polymer 1-(2-ethoxyphenyl)-4-[(4-methylphenyl)sulfonyl]-1H-1,2,3-triazol-5-amine
4 non-polymer 3-hydroxy-7,7-dimethyl-2-phenyl-4-(thiophen-2-yl)-2,6,7,8-tetrahydro-5H-pyrazolo[3,4-b]quinolin-5-one
5 water water
#
_entity_poly.entity_id   1
_entity_poly.type   'polypeptide(L)'
_entity_poly.pdbx_seq_one_letter_code
;GSGGSIRLADLAQQLDAELHGDGDIVITGVASMQSAQTGHITFMVNPKYREHLGLCQASAVVMTQDDLPFAKSAALVVKN
PYLTYARMAQILDTTPQPAQNIAPSAVIDATAKLGNNVSIGANAVIESGVELGDNVIIGAGCFVGKNSKIGAGSRLWANV
TIYHEIQIGQNCLIQSGTVVGADGFGYANDRGNWVKIPQIGRVIIGDRVEIGACTTIDRGALDDTIIGNGVIIDNQCQIA
HNVVIGDNTAVAGGVIMAGSLKIGRYCMIGGASVINGHMEICDKVTVTGMGMVMRPITEPGVYSSGIPLQPNKVWRKTAA
LVMNIDDMSKRLKSLERKVNQQD
;
_entity_poly.pdbx_strand_id   A,B,C
#
loop_
_chem_comp.id
_chem_comp.type
_chem_comp.name
_chem_comp.formula
MG non-polymer 'MAGNESIUM ION' 'Mg 2'
O3V non-polymer 3-hydroxy-7,7-dimethyl-2-phenyl-4-(thiophen-2-yl)-2,6,7,8-tetrahydro-5H-pyrazolo[3,4-b]quinolin-5-one 'C22 H19 N3 O2 S'
O4V non-polymer 1-(2-ethoxyphenyl)-4-[(4-methylphenyl)sulfonyl]-1H-1,2,3-triazol-5-amine 'C17 H18 N4 O3 S'
#
# COMPACT_ATOMS: atom_id res chain seq x y z
N SER A 5 -34.91 2.80 -14.85
CA SER A 5 -35.92 1.77 -14.99
C SER A 5 -36.19 1.48 -16.47
N ILE A 6 -36.43 0.21 -16.79
CA ILE A 6 -36.48 -0.25 -18.17
C ILE A 6 -37.36 -1.48 -18.26
N ARG A 7 -38.20 -1.53 -19.30
CA ARG A 7 -39.03 -2.71 -19.55
C ARG A 7 -38.16 -3.93 -19.81
N LEU A 8 -38.58 -5.07 -19.27
CA LEU A 8 -37.80 -6.29 -19.40
C LEU A 8 -37.56 -6.66 -20.86
N ALA A 9 -38.60 -6.57 -21.71
CA ALA A 9 -38.40 -6.89 -23.12
C ALA A 9 -37.34 -6.01 -23.75
N ASP A 10 -37.33 -4.72 -23.39
CA ASP A 10 -36.29 -3.81 -23.88
C ASP A 10 -34.92 -4.23 -23.38
N LEU A 11 -34.81 -4.50 -22.08
CA LEU A 11 -33.53 -4.95 -21.52
C LEU A 11 -33.03 -6.21 -22.23
N ALA A 12 -33.92 -7.19 -22.44
CA ALA A 12 -33.51 -8.42 -23.12
C ALA A 12 -32.96 -8.13 -24.50
N GLN A 13 -33.64 -7.25 -25.26
CA GLN A 13 -33.16 -6.87 -26.58
C GLN A 13 -31.75 -6.29 -26.51
N GLN A 14 -31.53 -5.34 -25.57
CA GLN A 14 -30.20 -4.74 -25.47
C GLN A 14 -29.15 -5.76 -25.06
N LEU A 15 -29.54 -6.80 -24.33
CA LEU A 15 -28.62 -7.85 -23.89
C LEU A 15 -28.51 -8.98 -24.90
N ASP A 16 -29.28 -8.95 -25.99
CA ASP A 16 -29.33 -10.05 -26.95
C ASP A 16 -29.68 -11.37 -26.25
N ALA A 17 -30.69 -11.31 -25.39
CA ALA A 17 -31.13 -12.46 -24.61
C ALA A 17 -32.52 -12.91 -25.05
N GLU A 18 -32.76 -14.22 -24.99
CA GLU A 18 -34.07 -14.77 -25.31
C GLU A 18 -34.97 -14.66 -24.09
N LEU A 19 -36.06 -13.90 -24.22
CA LEU A 19 -36.97 -13.66 -23.12
C LEU A 19 -37.99 -14.77 -22.99
N HIS A 20 -38.16 -15.29 -21.77
CA HIS A 20 -39.19 -16.29 -21.46
C HIS A 20 -40.03 -15.73 -20.31
N GLY A 21 -41.06 -14.96 -20.64
CA GLY A 21 -41.91 -14.39 -19.61
C GLY A 21 -42.47 -13.05 -20.06
N ASP A 22 -42.98 -12.30 -19.08
CA ASP A 22 -43.72 -11.08 -19.33
C ASP A 22 -42.76 -9.94 -19.65
N GLY A 23 -42.73 -9.51 -20.91
CA GLY A 23 -41.81 -8.47 -21.32
C GLY A 23 -42.15 -7.08 -20.81
N ASP A 24 -43.36 -6.89 -20.29
CA ASP A 24 -43.77 -5.60 -19.74
C ASP A 24 -43.30 -5.40 -18.31
N ILE A 25 -42.73 -6.42 -17.66
CA ILE A 25 -42.17 -6.25 -16.33
C ILE A 25 -41.18 -5.10 -16.34
N VAL A 26 -41.29 -4.22 -15.35
CA VAL A 26 -40.42 -3.06 -15.24
C VAL A 26 -39.25 -3.40 -14.31
N ILE A 27 -38.03 -3.31 -14.83
CA ILE A 27 -36.83 -3.62 -14.05
C ILE A 27 -36.19 -2.32 -13.61
N THR A 28 -35.97 -2.19 -12.30
CA THR A 28 -35.43 -0.95 -11.72
C THR A 28 -33.95 -1.03 -11.36
N GLY A 29 -33.39 -2.23 -11.30
CA GLY A 29 -32.01 -2.39 -10.86
C GLY A 29 -31.63 -3.86 -10.76
N VAL A 30 -30.32 -4.08 -10.51
CA VAL A 30 -29.74 -5.40 -10.34
C VAL A 30 -29.61 -5.70 -8.85
N ALA A 31 -29.74 -6.97 -8.49
CA ALA A 31 -29.54 -7.38 -7.10
C ALA A 31 -29.00 -8.80 -7.08
N SER A 32 -28.37 -9.17 -5.96
CA SER A 32 -27.94 -10.54 -5.76
C SER A 32 -29.15 -11.45 -5.68
N MET A 33 -28.92 -12.74 -5.96
CA MET A 33 -30.03 -13.67 -5.91
C MET A 33 -30.65 -13.72 -4.53
N GLN A 34 -29.84 -13.62 -3.47
CA GLN A 34 -30.43 -13.70 -2.14
C GLN A 34 -31.16 -12.43 -1.73
N SER A 35 -30.80 -11.27 -2.30
CA SER A 35 -31.42 -10.01 -1.90
C SER A 35 -32.52 -9.55 -2.84
N ALA A 36 -32.59 -10.07 -4.07
CA ALA A 36 -33.45 -9.51 -5.10
C ALA A 36 -34.92 -9.48 -4.65
N GLN A 37 -35.60 -8.39 -4.99
CA GLN A 37 -37.02 -8.21 -4.70
C GLN A 37 -37.72 -7.79 -5.99
N THR A 38 -39.04 -7.61 -5.90
CA THR A 38 -39.81 -7.16 -7.07
C THR A 38 -39.12 -5.96 -7.69
N GLY A 39 -38.96 -6.01 -9.01
CA GLY A 39 -38.32 -4.94 -9.76
C GLY A 39 -36.84 -5.17 -10.03
N HIS A 40 -36.21 -6.11 -9.32
CA HIS A 40 -34.80 -6.40 -9.53
C HIS A 40 -34.65 -7.49 -10.59
N ILE A 41 -33.60 -7.39 -11.38
CA ILE A 41 -33.12 -8.52 -12.16
C ILE A 41 -31.88 -9.08 -11.49
N THR A 42 -31.72 -10.40 -11.54
CA THR A 42 -30.54 -11.05 -10.99
C THR A 42 -30.03 -12.09 -11.99
N PHE A 43 -29.13 -12.96 -11.55
CA PHE A 43 -28.50 -13.90 -12.46
C PHE A 43 -28.05 -15.12 -11.65
N MET A 44 -27.87 -16.23 -12.35
CA MET A 44 -27.30 -17.41 -11.72
C MET A 44 -26.28 -18.03 -12.63
N VAL A 45 -25.16 -18.47 -12.03
CA VAL A 45 -24.12 -19.18 -12.75
C VAL A 45 -23.98 -20.62 -12.27
N ASN A 46 -24.29 -20.89 -11.00
CA ASN A 46 -24.09 -22.20 -10.38
C ASN A 46 -25.40 -22.97 -10.35
N PRO A 47 -25.42 -24.22 -10.85
CA PRO A 47 -26.67 -24.98 -10.86
C PRO A 47 -27.24 -25.26 -9.48
N LYS A 48 -26.40 -25.19 -8.44
CA LYS A 48 -26.89 -25.42 -7.07
C LYS A 48 -28.11 -24.58 -6.76
N TYR A 49 -28.24 -23.41 -7.37
CA TYR A 49 -29.34 -22.50 -7.05
C TYR A 49 -30.65 -22.88 -7.72
N ARG A 50 -30.65 -23.84 -8.64
CA ARG A 50 -31.88 -24.18 -9.36
C ARG A 50 -32.99 -24.58 -8.40
N GLU A 51 -32.68 -25.34 -7.35
CA GLU A 51 -33.72 -25.94 -6.53
C GLU A 51 -34.51 -24.88 -5.77
N HIS A 52 -33.89 -23.75 -5.44
CA HIS A 52 -34.52 -22.75 -4.57
C HIS A 52 -34.91 -21.47 -5.30
N LEU A 53 -35.00 -21.51 -6.64
CA LEU A 53 -35.47 -20.34 -7.36
C LEU A 53 -36.87 -19.93 -6.93
N GLY A 54 -37.66 -20.86 -6.40
CA GLY A 54 -38.95 -20.51 -5.85
C GLY A 54 -38.85 -19.56 -4.67
N LEU A 55 -37.69 -19.53 -4.00
CA LEU A 55 -37.46 -18.59 -2.92
C LEU A 55 -36.86 -17.27 -3.39
N CYS A 56 -36.27 -17.22 -4.58
CA CYS A 56 -35.77 -15.94 -5.08
C CYS A 56 -36.94 -15.04 -5.46
N GLN A 57 -36.85 -13.77 -5.06
CA GLN A 57 -37.96 -12.83 -5.24
C GLN A 57 -37.68 -11.80 -6.33
N ALA A 58 -36.67 -12.04 -7.16
CA ALA A 58 -36.40 -11.16 -8.30
C ALA A 58 -37.57 -11.19 -9.29
N SER A 59 -37.73 -10.09 -10.02
CA SER A 59 -38.69 -10.08 -11.12
C SER A 59 -38.19 -10.86 -12.33
N ALA A 60 -36.87 -11.03 -12.49
CA ALA A 60 -36.32 -11.76 -13.62
C ALA A 60 -34.96 -12.34 -13.25
N VAL A 61 -34.64 -13.49 -13.85
CA VAL A 61 -33.37 -14.18 -13.62
C VAL A 61 -32.70 -14.46 -14.96
N VAL A 62 -31.45 -14.02 -15.09
CA VAL A 62 -30.61 -14.39 -16.22
C VAL A 62 -30.04 -15.78 -15.98
N MET A 63 -30.17 -16.66 -16.98
CA MET A 63 -29.75 -18.06 -16.84
C MET A 63 -29.49 -18.65 -18.22
N THR A 64 -29.07 -19.93 -18.24
CA THR A 64 -28.80 -20.65 -19.49
C THR A 64 -30.05 -21.42 -19.93
N GLN A 65 -29.92 -22.10 -21.07
CA GLN A 65 -31.03 -22.89 -21.58
C GLN A 65 -31.33 -24.08 -20.68
N ASP A 66 -30.28 -24.74 -20.16
CA ASP A 66 -30.49 -25.87 -19.27
C ASP A 66 -31.14 -25.45 -17.95
N ASP A 67 -30.92 -24.20 -17.52
CA ASP A 67 -31.56 -23.73 -16.30
C ASP A 67 -33.06 -23.48 -16.50
N LEU A 68 -33.49 -23.20 -17.73
CA LEU A 68 -34.86 -22.72 -17.97
C LEU A 68 -35.96 -23.59 -17.39
N PRO A 69 -35.89 -24.93 -17.44
CA PRO A 69 -36.95 -25.74 -16.83
C PRO A 69 -37.16 -25.45 -15.35
N PHE A 70 -36.09 -25.06 -14.64
CA PHE A 70 -36.17 -24.82 -13.21
C PHE A 70 -36.66 -23.41 -12.87
N ALA A 71 -36.91 -22.58 -13.88
CA ALA A 71 -37.26 -21.18 -13.63
C ALA A 71 -38.57 -21.07 -12.86
N LYS A 72 -38.63 -20.10 -11.95
CA LYS A 72 -39.83 -19.78 -11.19
C LYS A 72 -40.21 -18.31 -11.36
N SER A 73 -39.75 -17.69 -12.45
CA SER A 73 -39.99 -16.29 -12.74
C SER A 73 -39.65 -16.07 -14.21
N ALA A 74 -39.96 -14.88 -14.70
CA ALA A 74 -39.46 -14.48 -16.00
C ALA A 74 -37.95 -14.73 -16.07
N ALA A 75 -37.50 -15.27 -17.20
CA ALA A 75 -36.10 -15.64 -17.37
C ALA A 75 -35.56 -15.09 -18.68
N LEU A 76 -34.31 -14.62 -18.63
CA LEU A 76 -33.55 -14.29 -19.83
C LEU A 76 -32.51 -15.37 -20.06
N VAL A 77 -32.62 -16.06 -21.18
CA VAL A 77 -31.71 -17.16 -21.52
C VAL A 77 -30.56 -16.61 -22.36
N VAL A 78 -29.33 -16.91 -21.94
CA VAL A 78 -28.12 -16.51 -22.63
C VAL A 78 -27.11 -17.63 -22.46
N LYS A 79 -26.00 -17.54 -23.19
CA LYS A 79 -24.95 -18.53 -23.06
C LYS A 79 -24.07 -18.27 -21.85
N ASN A 80 -23.93 -17.01 -21.43
CA ASN A 80 -22.94 -16.62 -20.42
C ASN A 80 -23.60 -15.64 -19.44
N PRO A 81 -24.27 -16.16 -18.41
CA PRO A 81 -25.00 -15.27 -17.50
C PRO A 81 -24.13 -14.24 -16.80
N TYR A 82 -22.89 -14.60 -16.44
CA TYR A 82 -22.02 -13.66 -15.74
C TYR A 82 -21.68 -12.47 -16.63
N LEU A 83 -21.36 -12.73 -17.90
CA LEU A 83 -21.09 -11.63 -18.82
C LEU A 83 -22.33 -10.77 -19.04
N THR A 84 -23.49 -11.41 -19.20
CA THR A 84 -24.73 -10.65 -19.34
C THR A 84 -25.00 -9.82 -18.09
N TYR A 85 -24.70 -10.37 -16.92
CA TYR A 85 -24.82 -9.60 -15.68
C TYR A 85 -23.99 -8.33 -15.75
N ALA A 86 -22.70 -8.44 -16.12
CA ALA A 86 -21.89 -7.24 -16.29
C ALA A 86 -22.58 -6.22 -17.18
N ARG A 87 -23.11 -6.67 -18.32
CA ARG A 87 -23.71 -5.75 -19.28
C ARG A 87 -24.94 -5.07 -18.68
N MET A 88 -25.78 -5.83 -17.96
CA MET A 88 -27.01 -5.25 -17.44
C MET A 88 -26.76 -4.37 -16.23
N ALA A 89 -25.71 -4.67 -15.45
CA ALA A 89 -25.31 -3.77 -14.39
C ALA A 89 -24.82 -2.44 -14.93
N GLN A 90 -24.17 -2.44 -16.11
CA GLN A 90 -23.82 -1.17 -16.74
C GLN A 90 -25.06 -0.42 -17.20
N ILE A 91 -26.03 -1.13 -17.79
CA ILE A 91 -27.27 -0.47 -18.20
C ILE A 91 -27.98 0.14 -16.99
N LEU A 92 -28.00 -0.60 -15.87
CA LEU A 92 -28.72 -0.17 -14.68
C LEU A 92 -27.80 0.46 -13.63
N ASP A 93 -26.63 0.94 -14.04
CA ASP A 93 -25.64 1.44 -13.09
C ASP A 93 -26.17 2.66 -12.33
N THR A 94 -25.96 2.67 -11.01
CA THR A 94 -26.37 3.78 -10.15
C THR A 94 -25.19 4.63 -9.69
N THR A 95 -23.96 4.26 -10.05
CA THR A 95 -22.78 4.99 -9.60
C THR A 95 -22.82 6.44 -10.06
N PRO A 96 -22.61 7.41 -9.18
CA PRO A 96 -22.52 8.81 -9.60
C PRO A 96 -21.19 9.09 -10.29
N GLN A 97 -21.09 10.29 -10.83
CA GLN A 97 -19.85 10.74 -11.44
C GLN A 97 -18.95 11.42 -10.41
N PRO A 98 -17.63 11.40 -10.61
CA PRO A 98 -16.74 12.10 -9.67
C PRO A 98 -17.01 13.60 -9.57
N ALA A 99 -17.53 14.22 -10.62
CA ALA A 99 -17.77 15.66 -10.60
C ALA A 99 -18.74 16.00 -11.73
N GLN A 100 -19.34 17.18 -11.60
CA GLN A 100 -20.23 17.74 -12.62
C GLN A 100 -19.92 19.22 -12.76
N ASN A 101 -19.76 19.70 -14.01
CA ASN A 101 -19.41 21.09 -14.29
C ASN A 101 -17.99 21.40 -13.84
N ILE A 102 -17.57 22.67 -13.86
CA ILE A 102 -16.23 23.06 -13.43
C ILE A 102 -16.34 23.83 -12.12
N ALA A 103 -15.75 23.25 -11.05
CA ALA A 103 -15.96 23.81 -9.72
C ALA A 103 -15.21 25.13 -9.60
N PRO A 104 -15.84 26.16 -9.01
CA PRO A 104 -15.13 27.44 -8.85
C PRO A 104 -13.98 27.37 -7.87
N SER A 105 -13.96 26.37 -6.98
CA SER A 105 -12.83 26.17 -6.10
C SER A 105 -11.69 25.39 -6.75
N ALA A 106 -11.92 24.83 -7.94
CA ALA A 106 -10.82 24.20 -8.66
C ALA A 106 -9.83 25.28 -9.12
N VAL A 107 -8.56 24.89 -9.21
CA VAL A 107 -7.50 25.78 -9.62
C VAL A 107 -6.93 25.23 -10.91
N ILE A 108 -7.24 25.91 -12.01
CA ILE A 108 -6.98 25.44 -13.36
C ILE A 108 -6.06 26.43 -14.04
N ASP A 109 -4.85 25.99 -14.38
CA ASP A 109 -3.90 26.87 -15.01
C ASP A 109 -4.46 27.43 -16.31
N ALA A 110 -4.15 28.70 -16.60
CA ALA A 110 -4.71 29.36 -17.76
C ALA A 110 -4.31 28.71 -19.08
N THR A 111 -3.23 27.92 -19.10
CA THR A 111 -2.82 27.28 -20.34
C THR A 111 -3.38 25.88 -20.50
N ALA A 112 -4.13 25.37 -19.53
CA ALA A 112 -4.77 24.08 -19.67
C ALA A 112 -5.81 24.13 -20.78
N LYS A 113 -5.90 23.04 -21.55
CA LYS A 113 -6.87 22.91 -22.64
C LYS A 113 -7.93 21.90 -22.24
N LEU A 114 -9.19 22.34 -22.21
CA LEU A 114 -10.31 21.49 -21.85
C LEU A 114 -11.19 21.27 -23.07
N GLY A 115 -11.52 20.01 -23.33
CA GLY A 115 -12.44 19.67 -24.40
C GLY A 115 -13.89 19.92 -24.02
N ASN A 116 -14.79 19.34 -24.81
CA ASN A 116 -16.21 19.49 -24.58
C ASN A 116 -16.66 18.66 -23.39
N ASN A 117 -17.57 19.23 -22.59
CA ASN A 117 -18.24 18.47 -21.53
C ASN A 117 -17.24 17.88 -20.54
N VAL A 118 -16.22 18.65 -20.17
CA VAL A 118 -15.26 18.26 -19.15
C VAL A 118 -15.79 18.74 -17.79
N SER A 119 -15.71 17.88 -16.78
CA SER A 119 -16.11 18.24 -15.43
C SER A 119 -14.89 18.18 -14.52
N ILE A 120 -14.77 19.18 -13.65
CA ILE A 120 -13.63 19.26 -12.73
C ILE A 120 -14.15 19.52 -11.33
N GLY A 121 -13.78 18.66 -10.39
CA GLY A 121 -14.31 18.70 -9.06
C GLY A 121 -13.69 19.76 -8.16
N ALA A 122 -14.38 20.01 -7.06
CA ALA A 122 -13.97 21.00 -6.10
C ALA A 122 -12.54 20.78 -5.65
N ASN A 123 -11.76 21.86 -5.60
CA ASN A 123 -10.39 21.92 -5.12
C ASN A 123 -9.41 21.04 -5.89
N ALA A 124 -9.82 20.48 -7.03
CA ALA A 124 -8.86 19.87 -7.94
C ALA A 124 -7.89 20.93 -8.46
N VAL A 125 -6.70 20.49 -8.84
CA VAL A 125 -5.62 21.39 -9.22
C VAL A 125 -5.05 20.90 -10.55
N ILE A 126 -5.13 21.74 -11.57
CA ILE A 126 -4.76 21.39 -12.94
C ILE A 126 -3.60 22.28 -13.36
N GLU A 127 -2.45 21.67 -13.67
CA GLU A 127 -1.22 22.41 -13.95
C GLU A 127 -1.21 22.97 -15.37
N SER A 128 -0.19 23.77 -15.64
CA SER A 128 0.02 24.34 -16.96
C SER A 128 0.21 23.26 -18.01
N GLY A 129 -0.28 23.52 -19.21
CA GLY A 129 -0.05 22.64 -20.34
C GLY A 129 -0.86 21.36 -20.36
N VAL A 130 -1.70 21.13 -19.36
CA VAL A 130 -2.49 19.90 -19.30
C VAL A 130 -3.54 19.92 -20.40
N GLU A 131 -3.83 18.74 -20.97
CA GLU A 131 -4.87 18.60 -21.98
C GLU A 131 -5.88 17.56 -21.52
N LEU A 132 -7.13 17.97 -21.35
CA LEU A 132 -8.21 17.08 -20.96
C LEU A 132 -9.16 16.90 -22.14
N GLY A 133 -9.36 15.65 -22.57
CA GLY A 133 -10.20 15.37 -23.71
C GLY A 133 -11.68 15.53 -23.42
N ASP A 134 -12.47 15.43 -24.49
CA ASP A 134 -13.92 15.50 -24.38
C ASP A 134 -14.42 14.50 -23.35
N ASN A 135 -15.37 14.95 -22.53
CA ASN A 135 -16.08 14.09 -21.59
C ASN A 135 -15.22 13.63 -20.41
N VAL A 136 -13.99 14.15 -20.27
CA VAL A 136 -13.15 13.78 -19.14
C VAL A 136 -13.76 14.35 -17.85
N ILE A 137 -13.63 13.57 -16.76
CA ILE A 137 -14.10 14.00 -15.44
C ILE A 137 -12.94 13.87 -14.47
N ILE A 138 -12.63 14.95 -13.77
CA ILE A 138 -11.57 14.98 -12.76
C ILE A 138 -12.24 15.14 -11.40
N GLY A 139 -12.02 14.19 -10.50
CA GLY A 139 -12.64 14.25 -9.20
C GLY A 139 -12.11 15.39 -8.32
N ALA A 140 -12.85 15.63 -7.24
CA ALA A 140 -12.44 16.61 -6.24
C ALA A 140 -11.03 16.34 -5.74
N GLY A 141 -10.27 17.42 -5.51
CA GLY A 141 -8.98 17.31 -4.86
C GLY A 141 -7.88 16.63 -5.66
N CYS A 142 -8.13 16.30 -6.93
CA CYS A 142 -7.08 15.67 -7.72
C CYS A 142 -5.96 16.67 -8.01
N PHE A 143 -4.81 16.13 -8.40
CA PHE A 143 -3.73 16.93 -8.96
C PHE A 143 -3.35 16.33 -10.30
N VAL A 144 -3.28 17.16 -11.34
CA VAL A 144 -2.79 16.73 -12.65
C VAL A 144 -1.62 17.63 -13.01
N GLY A 145 -0.44 17.03 -13.14
CA GLY A 145 0.80 17.75 -13.30
C GLY A 145 1.03 18.27 -14.71
N LYS A 146 2.15 18.98 -14.86
CA LYS A 146 2.39 19.81 -16.04
C LYS A 146 2.44 18.97 -17.32
N ASN A 147 1.74 19.46 -18.34
CA ASN A 147 1.78 18.92 -19.70
C ASN A 147 1.18 17.54 -19.81
N SER A 148 0.50 17.05 -18.78
CA SER A 148 -0.10 15.73 -18.86
C SER A 148 -1.36 15.77 -19.71
N LYS A 149 -1.66 14.64 -20.33
CA LYS A 149 -2.73 14.54 -21.30
C LYS A 149 -3.62 13.36 -20.93
N ILE A 150 -4.92 13.62 -20.84
CA ILE A 150 -5.90 12.63 -20.46
C ILE A 150 -6.92 12.54 -21.59
N GLY A 151 -7.06 11.35 -22.15
CA GLY A 151 -7.88 11.17 -23.33
C GLY A 151 -9.37 11.15 -23.05
N ALA A 152 -10.14 11.29 -24.13
CA ALA A 152 -11.57 11.47 -24.02
C ALA A 152 -12.22 10.34 -23.23
N GLY A 153 -13.22 10.70 -22.42
CA GLY A 153 -13.98 9.74 -21.65
C GLY A 153 -13.33 9.25 -20.38
N SER A 154 -12.08 9.58 -20.12
CA SER A 154 -11.42 9.07 -18.93
C SER A 154 -11.88 9.83 -17.70
N ARG A 155 -11.80 9.17 -16.54
CA ARG A 155 -12.33 9.71 -15.30
C ARG A 155 -11.39 9.38 -14.16
N LEU A 156 -11.14 10.38 -13.32
CA LEU A 156 -10.41 10.23 -12.06
C LEU A 156 -11.37 10.46 -10.91
N TRP A 157 -11.38 9.54 -9.95
CA TRP A 157 -12.14 9.78 -8.73
C TRP A 157 -11.40 10.83 -7.88
N ALA A 158 -11.95 11.10 -6.69
CA ALA A 158 -11.34 12.14 -5.85
C ALA A 158 -9.91 11.78 -5.45
N ASN A 159 -9.09 12.81 -5.29
CA ASN A 159 -7.79 12.65 -4.63
C ASN A 159 -6.88 11.66 -5.37
N VAL A 160 -6.91 11.69 -6.70
CA VAL A 160 -5.92 11.01 -7.55
C VAL A 160 -4.80 12.00 -7.86
N THR A 161 -3.57 11.51 -7.93
CA THR A 161 -2.42 12.32 -8.29
C THR A 161 -1.86 11.82 -9.61
N ILE A 162 -1.83 12.70 -10.61
CA ILE A 162 -1.13 12.49 -11.87
C ILE A 162 0.04 13.47 -11.90
N TYR A 163 1.26 12.96 -12.07
CA TYR A 163 2.42 13.82 -12.17
C TYR A 163 2.48 14.48 -13.54
N HIS A 164 3.65 14.99 -13.92
CA HIS A 164 3.86 15.72 -15.16
C HIS A 164 4.18 14.78 -16.32
N GLU A 165 3.86 15.23 -17.54
CA GLU A 165 4.23 14.52 -18.79
C GLU A 165 3.64 13.12 -18.85
N ILE A 166 2.52 12.90 -18.20
CA ILE A 166 1.87 11.59 -18.22
C ILE A 166 0.89 11.57 -19.38
N GLN A 167 0.76 10.44 -20.05
CA GLN A 167 -0.22 10.30 -21.10
C GLN A 167 -1.21 9.20 -20.72
N ILE A 168 -2.49 9.53 -20.70
CA ILE A 168 -3.56 8.60 -20.41
C ILE A 168 -4.53 8.61 -21.60
N GLY A 169 -4.90 7.42 -22.07
CA GLY A 169 -5.76 7.27 -23.23
C GLY A 169 -7.22 7.50 -22.90
N GLN A 170 -8.09 6.89 -23.71
CA GLN A 170 -9.53 7.13 -23.61
C GLN A 170 -10.21 6.11 -22.71
N ASN A 171 -11.29 6.55 -22.06
CA ASN A 171 -12.18 5.66 -21.32
C ASN A 171 -11.45 4.91 -20.21
N CYS A 172 -10.44 5.54 -19.63
CA CYS A 172 -9.79 5.00 -18.44
C CYS A 172 -10.57 5.41 -17.19
N LEU A 173 -10.29 4.71 -16.09
CA LEU A 173 -10.91 5.02 -14.80
C LEU A 173 -9.88 4.76 -13.72
N ILE A 174 -9.62 5.75 -12.88
CA ILE A 174 -8.62 5.63 -11.82
C ILE A 174 -9.28 5.94 -10.48
N GLN A 175 -9.16 5.02 -9.52
CA GLN A 175 -9.78 5.18 -8.20
C GLN A 175 -8.89 6.05 -7.30
N SER A 176 -9.49 6.54 -6.21
CA SER A 176 -8.87 7.52 -5.34
C SER A 176 -7.57 7.02 -4.71
N GLY A 177 -6.70 7.98 -4.36
CA GLY A 177 -5.48 7.71 -3.65
C GLY A 177 -4.35 7.22 -4.53
N THR A 178 -4.62 6.94 -5.79
CA THR A 178 -3.62 6.39 -6.70
C THR A 178 -2.72 7.50 -7.21
N VAL A 179 -1.46 7.14 -7.46
CA VAL A 179 -0.43 8.09 -7.87
C VAL A 179 0.21 7.54 -9.14
N VAL A 180 0.12 8.30 -10.23
CA VAL A 180 0.69 7.90 -11.52
C VAL A 180 1.80 8.88 -11.86
N GLY A 181 3.01 8.36 -12.01
CA GLY A 181 4.11 9.16 -12.50
C GLY A 181 5.10 9.64 -11.47
N ALA A 182 5.09 9.08 -10.26
CA ALA A 182 6.11 9.43 -9.28
C ALA A 182 7.48 8.95 -9.76
N ASP A 183 8.54 9.52 -9.16
CA ASP A 183 9.89 9.08 -9.52
C ASP A 183 10.05 7.57 -9.34
N GLY A 184 10.66 6.92 -10.32
CA GLY A 184 11.16 5.58 -10.10
C GLY A 184 12.24 5.56 -9.04
N PHE A 185 12.54 4.36 -8.55
CA PHE A 185 13.49 4.17 -7.45
C PHE A 185 14.91 4.05 -8.00
N GLY A 186 15.39 5.16 -8.57
CA GLY A 186 16.67 5.15 -9.27
C GLY A 186 17.74 5.97 -8.60
N TYR A 187 18.84 5.31 -8.24
CA TYR A 187 19.94 5.93 -7.52
C TYR A 187 21.24 5.30 -7.97
N ALA A 188 22.24 6.15 -8.16
CA ALA A 188 23.63 5.69 -8.21
C ALA A 188 24.21 5.76 -6.79
N ASN A 189 25.42 5.26 -6.63
CA ASN A 189 26.03 5.18 -5.31
C ASN A 189 27.44 5.75 -5.38
N ASP A 190 27.72 6.75 -4.56
CA ASP A 190 29.02 7.41 -4.49
C ASP A 190 29.56 7.22 -3.09
N ARG A 191 30.38 6.18 -2.90
CA ARG A 191 31.01 5.88 -1.61
C ARG A 191 29.98 5.66 -0.51
N GLY A 192 28.94 4.90 -0.82
CA GLY A 192 27.89 4.61 0.12
C GLY A 192 26.77 5.63 0.19
N ASN A 193 26.98 6.82 -0.37
CA ASN A 193 25.94 7.84 -0.42
C ASN A 193 25.10 7.65 -1.68
N TRP A 194 23.79 7.64 -1.51
CA TRP A 194 22.89 7.49 -2.64
C TRP A 194 22.86 8.78 -3.45
N VAL A 195 22.91 8.66 -4.77
CA VAL A 195 22.89 9.80 -5.68
C VAL A 195 21.63 9.67 -6.53
N LYS A 196 20.69 10.59 -6.35
CA LYS A 196 19.43 10.49 -7.08
C LYS A 196 19.69 10.54 -8.58
N ILE A 197 19.05 9.63 -9.30
CA ILE A 197 18.96 9.67 -10.76
C ILE A 197 17.61 10.30 -11.11
N PRO A 198 17.58 11.52 -11.64
CA PRO A 198 16.30 12.09 -12.07
C PRO A 198 15.58 11.14 -13.02
N GLN A 199 14.28 10.99 -12.80
CA GLN A 199 13.47 10.05 -13.55
C GLN A 199 12.70 10.86 -14.58
N ILE A 200 13.27 10.97 -15.79
CA ILE A 200 12.75 11.88 -16.79
C ILE A 200 12.01 11.16 -17.91
N GLY A 201 11.85 9.85 -17.80
CA GLY A 201 10.88 9.18 -18.64
C GLY A 201 9.47 9.49 -18.13
N ARG A 202 8.50 8.76 -18.69
CA ARG A 202 7.10 9.06 -18.47
C ARG A 202 6.31 7.80 -18.09
N VAL A 203 4.99 7.94 -17.96
CA VAL A 203 4.06 6.83 -17.96
C VAL A 203 3.13 7.01 -19.14
N ILE A 204 2.98 5.96 -19.94
CA ILE A 204 2.01 5.93 -21.03
C ILE A 204 0.96 4.90 -20.68
N ILE A 205 -0.26 5.35 -20.43
CA ILE A 205 -1.40 4.46 -20.19
C ILE A 205 -2.29 4.46 -21.41
N GLY A 206 -2.64 3.27 -21.90
CA GLY A 206 -3.45 3.13 -23.10
C GLY A 206 -4.92 3.41 -22.85
N ASP A 207 -5.76 2.87 -23.74
CA ASP A 207 -7.20 3.07 -23.63
C ASP A 207 -7.84 1.98 -22.77
N ARG A 208 -8.93 2.36 -22.10
CA ARG A 208 -9.76 1.39 -21.37
C ARG A 208 -8.97 0.74 -20.23
N VAL A 209 -8.09 1.50 -19.60
CA VAL A 209 -7.32 1.00 -18.47
C VAL A 209 -8.06 1.37 -17.19
N GLU A 210 -8.22 0.40 -16.30
CA GLU A 210 -8.86 0.63 -15.00
C GLU A 210 -7.85 0.36 -13.91
N ILE A 211 -7.68 1.34 -13.02
CA ILE A 211 -6.69 1.27 -11.96
C ILE A 211 -7.40 1.49 -10.62
N GLY A 212 -7.12 0.64 -9.66
CA GLY A 212 -7.75 0.70 -8.34
C GLY A 212 -7.19 1.80 -7.47
N ALA A 213 -7.46 1.68 -6.17
CA ALA A 213 -7.15 2.71 -5.20
C ALA A 213 -5.80 2.48 -4.54
N CYS A 214 -5.14 3.59 -4.20
CA CYS A 214 -3.84 3.57 -3.52
C CYS A 214 -2.84 2.70 -4.26
N THR A 215 -2.89 2.74 -5.58
CA THR A 215 -1.90 2.07 -6.41
C THR A 215 -0.91 3.11 -6.93
N THR A 216 0.34 2.70 -7.11
CA THR A 216 1.39 3.60 -7.58
C THR A 216 2.00 3.06 -8.86
N ILE A 217 2.14 3.92 -9.87
CA ILE A 217 2.78 3.56 -11.15
C ILE A 217 3.84 4.61 -11.42
N ASP A 218 5.11 4.23 -11.30
CA ASP A 218 6.21 5.19 -11.40
C ASP A 218 6.54 5.50 -12.85
N ARG A 219 7.02 6.73 -13.08
CA ARG A 219 7.53 7.13 -14.38
C ARG A 219 8.86 6.43 -14.67
N GLY A 220 9.18 6.30 -15.94
CA GLY A 220 10.43 5.66 -16.33
C GLY A 220 11.63 6.55 -16.09
N ALA A 221 12.81 5.95 -16.17
CA ALA A 221 14.04 6.68 -15.89
C ALA A 221 14.46 7.53 -17.09
N LEU A 222 14.31 7.00 -18.30
CA LEU A 222 14.65 7.74 -19.51
C LEU A 222 13.57 7.50 -20.56
N ASP A 223 13.37 6.23 -20.91
CA ASP A 223 12.21 5.81 -21.67
C ASP A 223 11.09 5.53 -20.67
N ASP A 224 9.98 4.93 -21.10
CA ASP A 224 8.72 5.07 -20.39
C ASP A 224 8.22 3.78 -19.74
N THR A 225 7.47 3.97 -18.66
CA THR A 225 6.62 2.93 -18.13
C THR A 225 5.38 2.88 -19.01
N ILE A 226 4.97 1.67 -19.41
CA ILE A 226 3.90 1.53 -20.39
C ILE A 226 2.86 0.55 -19.88
N ILE A 227 1.61 1.02 -19.78
CA ILE A 227 0.47 0.17 -19.46
C ILE A 227 -0.37 0.04 -20.73
N GLY A 228 -0.51 -1.19 -21.23
CA GLY A 228 -1.23 -1.41 -22.47
C GLY A 228 -2.74 -1.22 -22.34
N ASN A 229 -3.41 -1.30 -23.48
CA ASN A 229 -4.85 -1.14 -23.55
C ASN A 229 -5.57 -2.27 -22.81
N GLY A 230 -6.69 -1.90 -22.17
CA GLY A 230 -7.56 -2.89 -21.56
C GLY A 230 -7.02 -3.54 -20.30
N VAL A 231 -5.89 -3.06 -19.80
CA VAL A 231 -5.31 -3.57 -18.57
C VAL A 231 -6.19 -3.17 -17.38
N ILE A 232 -6.37 -4.09 -16.44
CA ILE A 232 -7.02 -3.75 -15.17
C ILE A 232 -6.03 -4.04 -14.04
N ILE A 233 -5.92 -3.08 -13.12
CA ILE A 233 -4.99 -3.13 -11.98
C ILE A 233 -5.78 -2.83 -10.73
N ASP A 234 -5.64 -3.67 -9.71
CA ASP A 234 -6.41 -3.60 -8.47
C ASP A 234 -5.75 -2.58 -7.52
N ASN A 235 -6.19 -2.56 -6.25
CA ASN A 235 -5.68 -1.65 -5.23
C ASN A 235 -4.28 -2.04 -4.76
N GLN A 236 -3.58 -1.06 -4.18
CA GLN A 236 -2.36 -1.30 -3.41
C GLN A 236 -1.26 -1.96 -4.26
N CYS A 237 -1.27 -1.76 -5.57
CA CYS A 237 -0.21 -2.32 -6.40
C CYS A 237 0.92 -1.31 -6.57
N GLN A 238 2.14 -1.84 -6.80
CA GLN A 238 3.30 -1.03 -7.15
C GLN A 238 3.82 -1.48 -8.51
N ILE A 239 3.79 -0.57 -9.47
CA ILE A 239 4.34 -0.81 -10.79
C ILE A 239 5.54 0.10 -10.93
N ALA A 240 6.73 -0.49 -10.93
CA ALA A 240 7.97 0.26 -10.86
C ALA A 240 8.33 0.90 -12.20
N HIS A 241 9.37 1.71 -12.18
CA HIS A 241 9.77 2.44 -13.38
C HIS A 241 10.14 1.47 -14.49
N ASN A 242 9.70 1.80 -15.71
CA ASN A 242 10.05 1.09 -16.93
C ASN A 242 9.45 -0.30 -16.99
N VAL A 243 8.45 -0.58 -16.15
CA VAL A 243 7.65 -1.77 -16.35
C VAL A 243 6.84 -1.60 -17.64
N VAL A 244 6.62 -2.70 -18.35
CA VAL A 244 5.78 -2.70 -19.53
C VAL A 244 4.76 -3.82 -19.37
N ILE A 245 3.47 -3.47 -19.46
CA ILE A 245 2.40 -4.44 -19.28
C ILE A 245 1.60 -4.52 -20.58
N GLY A 246 1.47 -5.74 -21.10
CA GLY A 246 0.77 -5.96 -22.34
C GLY A 246 -0.74 -5.81 -22.21
N ASP A 247 -1.37 -5.60 -23.37
CA ASP A 247 -2.81 -5.41 -23.45
C ASP A 247 -3.58 -6.50 -22.71
N ASN A 248 -4.63 -6.08 -21.99
CA ASN A 248 -5.64 -6.96 -21.42
C ASN A 248 -5.14 -7.76 -20.23
N THR A 249 -3.93 -7.50 -19.76
CA THR A 249 -3.44 -8.16 -18.57
C THR A 249 -4.14 -7.62 -17.32
N ALA A 250 -4.37 -8.51 -16.35
CA ALA A 250 -5.07 -8.20 -15.11
C ALA A 250 -4.10 -8.39 -13.95
N VAL A 251 -4.06 -7.41 -13.05
CA VAL A 251 -3.14 -7.41 -11.90
C VAL A 251 -4.00 -7.24 -10.64
N ALA A 252 -4.03 -8.27 -9.80
CA ALA A 252 -4.88 -8.25 -8.60
C ALA A 252 -4.21 -7.48 -7.46
N GLY A 253 -4.93 -7.31 -6.34
CA GLY A 253 -4.53 -6.35 -5.33
C GLY A 253 -3.21 -6.69 -4.66
N GLY A 254 -2.45 -5.65 -4.33
CA GLY A 254 -1.26 -5.78 -3.52
C GLY A 254 -0.06 -6.37 -4.23
N VAL A 255 -0.08 -6.46 -5.55
CA VAL A 255 1.07 -6.95 -6.31
C VAL A 255 2.17 -5.89 -6.31
N ILE A 256 3.42 -6.34 -6.16
CA ILE A 256 4.59 -5.46 -6.20
C ILE A 256 5.44 -5.91 -7.37
N MET A 257 5.72 -5.00 -8.30
CA MET A 257 6.57 -5.28 -9.46
C MET A 257 7.85 -4.47 -9.38
N ALA A 258 8.96 -5.10 -9.77
CA ALA A 258 10.24 -4.41 -9.79
C ALA A 258 10.50 -3.79 -11.17
N GLY A 259 11.55 -2.97 -11.22
CA GLY A 259 11.78 -2.18 -12.41
C GLY A 259 12.15 -3.00 -13.63
N SER A 260 11.71 -2.50 -14.80
CA SER A 260 12.06 -3.04 -16.12
C SER A 260 11.50 -4.45 -16.35
N LEU A 261 10.52 -4.85 -15.55
CA LEU A 261 9.75 -6.05 -15.84
C LEU A 261 8.89 -5.82 -17.08
N LYS A 262 8.84 -6.83 -17.95
CA LYS A 262 7.92 -6.82 -19.09
C LYS A 262 6.96 -7.99 -18.94
N ILE A 263 5.65 -7.68 -18.91
CA ILE A 263 4.59 -8.67 -18.84
C ILE A 263 3.85 -8.67 -20.17
N GLY A 264 3.54 -9.86 -20.67
CA GLY A 264 2.85 -9.96 -21.94
C GLY A 264 1.36 -9.67 -21.81
N ARG A 265 0.64 -10.03 -22.88
CA ARG A 265 -0.80 -9.85 -22.99
C ARG A 265 -1.54 -11.01 -22.34
N TYR A 266 -2.77 -10.71 -21.89
CA TYR A 266 -3.70 -11.71 -21.37
C TYR A 266 -3.12 -12.46 -20.17
N CYS A 267 -2.26 -11.81 -19.42
CA CYS A 267 -1.74 -12.42 -18.19
C CYS A 267 -2.70 -12.16 -17.03
N MET A 268 -2.58 -13.00 -15.99
CA MET A 268 -3.37 -12.86 -14.77
C MET A 268 -2.41 -12.92 -13.60
N ILE A 269 -2.16 -11.79 -12.95
CA ILE A 269 -1.18 -11.74 -11.86
C ILE A 269 -1.95 -11.74 -10.54
N GLY A 270 -1.77 -12.82 -9.77
CA GLY A 270 -2.56 -13.02 -8.57
C GLY A 270 -2.17 -12.07 -7.44
N GLY A 271 -3.12 -11.85 -6.54
CA GLY A 271 -2.93 -10.84 -5.51
C GLY A 271 -1.73 -11.11 -4.64
N ALA A 272 -1.09 -10.03 -4.21
CA ALA A 272 0.04 -10.07 -3.29
C ALA A 272 1.23 -10.82 -3.87
N SER A 273 1.27 -11.06 -5.18
CA SER A 273 2.46 -11.62 -5.79
C SER A 273 3.59 -10.59 -5.80
N VAL A 274 4.81 -11.08 -5.99
CA VAL A 274 6.01 -10.26 -6.02
C VAL A 274 6.78 -10.65 -7.27
N ILE A 275 6.94 -9.72 -8.20
CA ILE A 275 7.55 -10.02 -9.48
C ILE A 275 8.85 -9.24 -9.63
N ASN A 276 9.94 -9.96 -9.78
CA ASN A 276 11.22 -9.29 -9.89
C ASN A 276 11.41 -8.73 -11.30
N GLY A 277 12.46 -7.92 -11.46
CA GLY A 277 12.60 -7.06 -12.61
C GLY A 277 13.64 -7.54 -13.62
N HIS A 278 13.84 -6.71 -14.63
CA HIS A 278 14.79 -6.98 -15.71
C HIS A 278 14.59 -8.38 -16.27
N MET A 279 13.33 -8.72 -16.52
CA MET A 279 12.98 -10.02 -17.05
C MET A 279 11.63 -9.91 -17.72
N GLU A 280 11.25 -10.96 -18.44
CA GLU A 280 10.02 -10.96 -19.19
C GLU A 280 9.12 -12.12 -18.77
N ILE A 281 7.82 -11.88 -18.84
CA ILE A 281 6.77 -12.89 -18.70
C ILE A 281 5.98 -12.89 -19.99
N CYS A 282 5.87 -14.05 -20.63
CA CYS A 282 5.23 -14.15 -21.95
C CYS A 282 3.71 -13.99 -21.82
N ASP A 283 3.04 -13.97 -22.98
CA ASP A 283 1.58 -13.91 -22.98
C ASP A 283 0.96 -15.10 -22.25
N LYS A 284 -0.21 -14.85 -21.67
CA LYS A 284 -1.11 -15.91 -21.22
C LYS A 284 -0.49 -16.71 -20.08
N VAL A 285 0.12 -16.00 -19.16
CA VAL A 285 0.66 -16.57 -17.93
C VAL A 285 -0.25 -16.19 -16.77
N THR A 286 -0.59 -17.16 -15.95
CA THR A 286 -1.27 -16.92 -14.69
C THR A 286 -0.31 -17.23 -13.55
N VAL A 287 -0.15 -16.26 -12.64
CA VAL A 287 0.58 -16.44 -11.39
C VAL A 287 -0.45 -16.41 -10.28
N THR A 288 -0.54 -17.50 -9.52
CA THR A 288 -1.53 -17.53 -8.45
C THR A 288 -1.08 -16.64 -7.29
N GLY A 289 -2.00 -16.40 -6.35
CA GLY A 289 -1.77 -15.46 -5.27
C GLY A 289 -0.50 -15.67 -4.47
N MET A 290 0.15 -14.57 -4.09
CA MET A 290 1.36 -14.57 -3.28
C MET A 290 2.55 -15.21 -4.01
N GLY A 291 2.52 -15.26 -5.34
CA GLY A 291 3.59 -15.90 -6.07
C GLY A 291 4.88 -15.10 -5.97
N MET A 292 5.99 -15.82 -5.82
CA MET A 292 7.32 -15.24 -5.72
C MET A 292 7.99 -15.51 -7.06
N VAL A 293 8.03 -14.50 -7.93
CA VAL A 293 8.42 -14.68 -9.33
C VAL A 293 9.84 -14.14 -9.47
N MET A 294 10.80 -15.06 -9.57
CA MET A 294 12.21 -14.71 -9.62
C MET A 294 12.83 -14.88 -11.00
N ARG A 295 12.23 -15.68 -11.86
CA ARG A 295 12.82 -16.05 -13.13
C ARG A 295 11.88 -15.67 -14.27
N PRO A 296 12.42 -15.38 -15.45
CA PRO A 296 11.56 -15.18 -16.63
C PRO A 296 10.60 -16.36 -16.79
N ILE A 297 9.43 -16.07 -17.33
CA ILE A 297 8.44 -17.10 -17.63
C ILE A 297 8.26 -17.12 -19.15
N THR A 298 8.64 -18.23 -19.77
CA THR A 298 8.69 -18.30 -21.22
C THR A 298 7.57 -19.12 -21.81
N GLU A 299 6.82 -19.84 -21.00
CA GLU A 299 5.73 -20.66 -21.51
C GLU A 299 4.42 -20.25 -20.86
N PRO A 300 3.33 -20.18 -21.63
CA PRO A 300 2.02 -19.91 -21.03
C PRO A 300 1.66 -21.01 -20.04
N GLY A 301 0.72 -20.67 -19.14
CA GLY A 301 0.24 -21.63 -18.17
C GLY A 301 0.12 -20.99 -16.80
N VAL A 302 -0.17 -21.83 -15.81
CA VAL A 302 -0.43 -21.41 -14.44
C VAL A 302 0.77 -21.77 -13.58
N TYR A 303 1.25 -20.81 -12.79
CA TYR A 303 2.42 -20.95 -11.95
C TYR A 303 2.08 -20.51 -10.52
N SER A 304 2.74 -21.15 -9.54
CA SER A 304 2.40 -20.96 -8.14
C SER A 304 3.64 -21.16 -7.28
N SER A 305 3.59 -20.58 -6.07
CA SER A 305 4.64 -20.82 -5.09
C SER A 305 4.03 -20.67 -3.70
N GLY A 306 4.82 -21.04 -2.70
CA GLY A 306 4.50 -20.82 -1.30
C GLY A 306 4.05 -22.09 -0.59
N ILE A 307 4.37 -22.15 0.70
CA ILE A 307 3.91 -23.24 1.56
C ILE A 307 2.75 -22.68 2.39
N PRO A 308 1.55 -23.20 2.24
CA PRO A 308 0.37 -22.58 2.86
C PRO A 308 0.22 -22.89 4.35
N LEU A 309 -0.85 -22.33 4.91
CA LEU A 309 -1.08 -22.28 6.34
C LEU A 309 -1.22 -23.68 6.96
N GLN A 310 -0.70 -23.82 8.17
CA GLN A 310 -0.90 -24.99 9.00
C GLN A 310 -1.16 -24.52 10.42
N PRO A 311 -1.74 -25.37 11.27
CA PRO A 311 -1.79 -25.04 12.70
C PRO A 311 -0.39 -24.69 13.18
N ASN A 312 -0.31 -23.70 14.07
CA ASN A 312 0.99 -23.21 14.51
C ASN A 312 1.88 -24.35 14.99
N LYS A 313 1.32 -25.26 15.79
CA LYS A 313 2.12 -26.37 16.31
C LYS A 313 2.78 -27.14 15.17
N VAL A 314 2.02 -27.37 14.10
CA VAL A 314 2.52 -28.10 12.96
C VAL A 314 3.53 -27.26 12.19
N TRP A 315 3.21 -25.97 11.98
CA TRP A 315 4.12 -25.11 11.21
C TRP A 315 5.49 -25.03 11.87
N ARG A 316 5.53 -24.95 13.20
CA ARG A 316 6.83 -24.89 13.90
C ARG A 316 7.73 -26.02 13.44
N LYS A 317 7.17 -27.22 13.33
CA LYS A 317 7.97 -28.39 12.93
C LYS A 317 8.26 -28.35 11.43
N THR A 318 7.26 -27.98 10.62
CA THR A 318 7.48 -27.87 9.17
C THR A 318 8.62 -26.91 8.87
N ALA A 319 8.63 -25.75 9.51
CA ALA A 319 9.62 -24.73 9.22
C ALA A 319 11.01 -25.17 9.67
N ALA A 320 11.11 -25.75 10.87
CA ALA A 320 12.41 -26.25 11.35
C ALA A 320 12.97 -27.31 10.40
N LEU A 321 12.15 -28.26 9.98
CA LEU A 321 12.65 -29.32 9.11
C LEU A 321 13.06 -28.78 7.75
N VAL A 322 12.27 -27.88 7.16
CA VAL A 322 12.64 -27.32 5.88
C VAL A 322 13.96 -26.57 6.00
N MET A 323 14.10 -25.77 7.06
CA MET A 323 15.34 -25.01 7.22
C MET A 323 16.55 -25.92 7.35
N ASN A 324 16.35 -27.15 7.82
CA ASN A 324 17.43 -28.12 7.95
C ASN A 324 17.37 -29.18 6.86
N ILE A 325 16.73 -28.87 5.73
CA ILE A 325 16.55 -29.89 4.70
C ILE A 325 17.88 -30.32 4.09
N ASP A 326 18.91 -29.48 4.12
CA ASP A 326 20.23 -29.90 3.65
C ASP A 326 20.76 -31.08 4.47
N ASP A 327 20.59 -31.01 5.79
CA ASP A 327 20.99 -32.13 6.62
C ASP A 327 20.20 -33.38 6.27
N MET A 328 18.89 -33.24 6.04
CA MET A 328 18.08 -34.38 5.62
C MET A 328 18.61 -34.97 4.33
N SER A 329 18.91 -34.12 3.35
CA SER A 329 19.45 -34.58 2.08
C SER A 329 20.76 -35.35 2.28
N LYS A 330 21.66 -34.85 3.14
CA LYS A 330 22.91 -35.55 3.40
C LYS A 330 22.68 -36.88 4.10
N ARG A 331 21.75 -36.90 5.06
CA ARG A 331 21.45 -38.16 5.74
C ARG A 331 20.89 -39.18 4.76
N LEU A 332 20.07 -38.74 3.81
CA LEU A 332 19.54 -39.65 2.81
C LEU A 332 20.64 -40.17 1.88
N LYS A 333 21.56 -39.29 1.46
CA LYS A 333 22.71 -39.73 0.67
C LYS A 333 23.54 -40.76 1.43
N SER A 334 23.82 -40.49 2.72
CA SER A 334 24.61 -41.41 3.51
C SER A 334 23.91 -42.76 3.65
N LEU A 335 22.60 -42.73 3.90
CA LEU A 335 21.85 -43.98 4.02
C LEU A 335 21.87 -44.75 2.69
N GLU A 336 21.79 -44.04 1.57
CA GLU A 336 21.86 -44.71 0.27
C GLU A 336 23.21 -45.38 0.07
N ARG A 337 24.30 -44.74 0.49
CA ARG A 337 25.62 -45.35 0.37
C ARG A 337 25.72 -46.61 1.23
N LYS A 338 25.26 -46.54 2.48
CA LYS A 338 25.36 -47.69 3.37
C LYS A 338 24.56 -48.88 2.84
N VAL A 339 23.47 -48.62 2.12
CA VAL A 339 22.63 -49.70 1.63
C VAL A 339 23.14 -50.24 0.29
N GLY B 4 18.14 25.33 -19.75
CA GLY B 4 18.83 24.11 -19.32
C GLY B 4 19.97 23.75 -20.28
N SER B 5 19.91 24.28 -21.50
CA SER B 5 20.94 23.97 -22.49
C SER B 5 22.32 24.40 -21.99
N ILE B 6 23.33 23.60 -22.32
CA ILE B 6 24.67 23.83 -21.83
C ILE B 6 25.68 23.42 -22.90
N ARG B 7 26.80 24.14 -22.96
CA ARG B 7 27.86 23.78 -23.89
C ARG B 7 28.53 22.49 -23.43
N LEU B 8 28.95 21.67 -24.40
CA LEU B 8 29.52 20.38 -24.04
C LEU B 8 30.79 20.54 -23.22
N ALA B 9 31.59 21.58 -23.50
CA ALA B 9 32.81 21.80 -22.73
C ALA B 9 32.51 22.16 -21.28
N ASP B 10 31.45 22.94 -21.05
CA ASP B 10 31.11 23.31 -19.67
C ASP B 10 30.50 22.14 -18.92
N LEU B 11 29.64 21.36 -19.59
CA LEU B 11 29.15 20.13 -18.99
C LEU B 11 30.29 19.21 -18.60
N ALA B 12 31.28 19.06 -19.50
CA ALA B 12 32.41 18.20 -19.20
C ALA B 12 33.19 18.71 -18.00
N GLN B 13 33.39 20.03 -17.91
CA GLN B 13 34.07 20.60 -16.76
C GLN B 13 33.30 20.32 -15.48
N GLN B 14 32.00 20.55 -15.49
CA GLN B 14 31.17 20.27 -14.33
C GLN B 14 31.15 18.79 -13.97
N LEU B 15 31.34 17.90 -14.95
CA LEU B 15 31.38 16.47 -14.66
C LEU B 15 32.79 15.99 -14.35
N ASP B 16 33.79 16.87 -14.38
CA ASP B 16 35.18 16.44 -14.24
C ASP B 16 35.50 15.36 -15.29
N ALA B 17 35.00 15.55 -16.50
CA ALA B 17 35.16 14.59 -17.60
C ALA B 17 36.15 15.11 -18.63
N GLU B 18 36.86 14.19 -19.28
CA GLU B 18 37.78 14.54 -20.35
C GLU B 18 37.02 14.59 -21.68
N LEU B 19 36.97 15.77 -22.28
CA LEU B 19 36.25 15.97 -23.52
C LEU B 19 37.10 15.57 -24.72
N HIS B 20 36.51 14.77 -25.61
CA HIS B 20 37.10 14.44 -26.91
C HIS B 20 36.05 14.79 -27.95
N GLY B 21 36.25 15.89 -28.67
CA GLY B 21 35.26 16.36 -29.62
C GLY B 21 34.99 17.83 -29.43
N ASP B 22 33.91 18.29 -30.05
CA ASP B 22 33.61 19.72 -30.18
C ASP B 22 32.96 20.24 -28.90
N GLY B 23 33.73 21.00 -28.11
CA GLY B 23 33.22 21.59 -26.88
C GLY B 23 32.12 22.61 -27.08
N ASP B 24 31.93 23.10 -28.31
CA ASP B 24 30.89 24.08 -28.55
C ASP B 24 29.53 23.45 -28.81
N ILE B 25 29.46 22.12 -28.85
CA ILE B 25 28.18 21.46 -29.07
C ILE B 25 27.23 21.82 -27.94
N VAL B 26 25.98 22.10 -28.28
CA VAL B 26 24.97 22.46 -27.29
C VAL B 26 24.19 21.22 -26.90
N ILE B 27 24.24 20.86 -25.62
CA ILE B 27 23.51 19.74 -25.07
C ILE B 27 22.24 20.25 -24.40
N THR B 28 21.10 19.69 -24.81
CA THR B 28 19.79 20.10 -24.30
C THR B 28 19.20 19.12 -23.29
N GLY B 29 19.67 17.89 -23.24
CA GLY B 29 19.06 16.92 -22.34
C GLY B 29 19.77 15.58 -22.41
N VAL B 30 19.37 14.71 -21.51
CA VAL B 30 19.84 13.32 -21.47
C VAL B 30 18.80 12.44 -22.12
N ALA B 31 19.28 11.40 -22.82
CA ALA B 31 18.40 10.42 -23.42
C ALA B 31 19.08 9.06 -23.38
N SER B 32 18.26 8.01 -23.49
CA SER B 32 18.82 6.66 -23.60
C SER B 32 19.58 6.52 -24.92
N MET B 33 20.45 5.52 -24.97
CA MET B 33 21.23 5.33 -26.20
C MET B 33 20.31 5.10 -27.40
N GLN B 34 19.24 4.32 -27.21
CA GLN B 34 18.34 4.02 -28.33
C GLN B 34 17.54 5.25 -28.75
N SER B 35 17.18 6.12 -27.81
CA SER B 35 16.31 7.25 -28.12
C SER B 35 17.05 8.54 -28.43
N ALA B 36 18.36 8.60 -28.18
CA ALA B 36 19.08 9.87 -28.24
C ALA B 36 19.12 10.45 -29.65
N GLN B 37 18.92 11.76 -29.74
CA GLN B 37 18.94 12.49 -31.00
C GLN B 37 19.90 13.69 -30.87
N THR B 38 20.06 14.44 -31.95
CA THR B 38 20.88 15.65 -31.93
C THR B 38 20.53 16.51 -30.73
N GLY B 39 21.55 17.02 -30.05
CA GLY B 39 21.37 17.79 -28.84
C GLY B 39 21.32 16.97 -27.56
N HIS B 40 21.14 15.66 -27.66
CA HIS B 40 21.12 14.81 -26.48
C HIS B 40 22.52 14.30 -26.15
N ILE B 41 22.80 14.17 -24.84
CA ILE B 41 23.95 13.41 -24.38
C ILE B 41 23.43 12.09 -23.83
N THR B 42 24.19 11.01 -24.07
CA THR B 42 23.84 9.73 -23.48
C THR B 42 25.06 9.09 -22.84
N PHE B 43 24.96 7.81 -22.45
CA PHE B 43 26.05 7.16 -21.76
C PHE B 43 26.11 5.69 -22.16
N MET B 44 27.30 5.10 -22.05
CA MET B 44 27.50 3.69 -22.29
C MET B 44 28.16 3.06 -21.07
N VAL B 45 27.49 2.07 -20.49
CA VAL B 45 28.07 1.28 -19.42
C VAL B 45 28.45 -0.13 -19.87
N ASN B 46 27.89 -0.62 -20.98
CA ASN B 46 28.12 -1.98 -21.47
C ASN B 46 28.96 -1.94 -22.74
N PRO B 47 30.21 -2.40 -22.72
CA PRO B 47 31.06 -2.34 -23.93
C PRO B 47 30.52 -3.17 -25.09
N LYS B 48 29.56 -4.04 -24.84
CA LYS B 48 28.87 -4.74 -25.93
C LYS B 48 28.33 -3.78 -26.97
N TYR B 49 28.06 -2.52 -26.60
CA TYR B 49 27.47 -1.55 -27.54
C TYR B 49 28.52 -0.78 -28.32
N ARG B 50 29.80 -1.05 -28.13
CA ARG B 50 30.83 -0.34 -28.89
C ARG B 50 30.56 -0.40 -30.39
N GLU B 51 30.35 -1.60 -30.92
CA GLU B 51 30.04 -1.75 -32.34
C GLU B 51 28.72 -1.10 -32.74
N HIS B 52 27.90 -0.67 -31.77
CA HIS B 52 26.59 -0.09 -32.05
C HIS B 52 26.61 1.43 -32.00
N LEU B 53 27.73 2.05 -31.64
CA LEU B 53 27.75 3.49 -31.41
C LEU B 53 27.49 4.26 -32.69
N GLY B 54 27.85 3.70 -33.85
CA GLY B 54 27.52 4.33 -35.12
C GLY B 54 26.03 4.45 -35.38
N LEU B 55 25.20 3.71 -34.64
CA LEU B 55 23.75 3.76 -34.77
C LEU B 55 23.10 4.70 -33.77
N CYS B 56 23.87 5.23 -32.84
CA CYS B 56 23.37 6.15 -31.84
C CYS B 56 23.47 7.57 -32.39
N GLN B 57 22.39 8.34 -32.24
CA GLN B 57 22.33 9.68 -32.81
C GLN B 57 22.53 10.78 -31.76
N ALA B 58 23.00 10.43 -30.56
CA ALA B 58 23.36 11.42 -29.57
C ALA B 58 24.43 12.36 -30.11
N SER B 59 24.44 13.59 -29.60
CA SER B 59 25.54 14.49 -29.90
C SER B 59 26.78 14.19 -29.08
N ALA B 60 26.64 13.46 -27.97
CA ALA B 60 27.79 13.13 -27.15
C ALA B 60 27.49 11.88 -26.35
N VAL B 61 28.53 11.12 -26.02
CA VAL B 61 28.39 9.88 -25.28
C VAL B 61 29.41 9.85 -24.15
N VAL B 62 28.93 9.62 -22.93
CA VAL B 62 29.77 9.39 -21.76
C VAL B 62 30.25 7.94 -21.79
N MET B 63 31.55 7.72 -21.62
CA MET B 63 32.14 6.40 -21.77
C MET B 63 33.48 6.38 -21.05
N THR B 64 34.13 5.20 -21.00
CA THR B 64 35.42 5.05 -20.35
C THR B 64 36.57 5.24 -21.36
N GLN B 65 37.79 5.33 -20.82
CA GLN B 65 38.97 5.43 -21.68
C GLN B 65 39.09 4.22 -22.60
N ASP B 66 38.73 3.03 -22.10
CA ASP B 66 38.81 1.83 -22.94
C ASP B 66 37.81 1.89 -24.10
N ASP B 67 36.70 2.59 -23.91
CA ASP B 67 35.68 2.77 -24.96
C ASP B 67 36.09 3.82 -25.99
N LEU B 68 36.96 4.75 -25.65
CA LEU B 68 37.20 5.91 -26.50
C LEU B 68 37.53 5.57 -27.95
N PRO B 69 38.35 4.56 -28.24
CA PRO B 69 38.65 4.25 -29.66
C PRO B 69 37.44 3.85 -30.48
N PHE B 70 36.35 3.45 -29.82
CA PHE B 70 35.12 3.02 -30.49
C PHE B 70 34.12 4.14 -30.67
N ALA B 71 34.44 5.35 -30.25
CA ALA B 71 33.47 6.43 -30.31
C ALA B 71 33.16 6.78 -31.77
N LYS B 72 31.89 7.11 -32.02
CA LYS B 72 31.50 7.72 -33.28
C LYS B 72 30.74 9.01 -33.01
N SER B 73 31.26 9.82 -32.09
CA SER B 73 30.67 11.09 -31.69
C SER B 73 31.64 11.74 -30.69
N ALA B 74 31.34 12.98 -30.34
CA ALA B 74 31.96 13.56 -29.15
C ALA B 74 31.83 12.57 -28.00
N ALA B 75 32.90 12.48 -27.21
CA ALA B 75 32.94 11.58 -26.07
C ALA B 75 33.38 12.33 -24.83
N LEU B 76 32.74 12.02 -23.70
CA LEU B 76 33.19 12.44 -22.37
C LEU B 76 33.75 11.22 -21.67
N VAL B 77 35.05 11.22 -21.42
CA VAL B 77 35.73 10.08 -20.81
C VAL B 77 35.77 10.27 -19.29
N VAL B 78 35.36 9.23 -18.56
CA VAL B 78 35.26 9.27 -17.11
C VAL B 78 35.54 7.88 -16.58
N LYS B 79 35.84 7.81 -15.27
CA LYS B 79 36.05 6.51 -14.63
C LYS B 79 34.75 5.75 -14.44
N ASN B 80 33.66 6.47 -14.16
CA ASN B 80 32.39 5.85 -13.77
C ASN B 80 31.28 6.47 -14.61
N PRO B 81 30.97 5.88 -15.77
CA PRO B 81 29.90 6.45 -16.61
C PRO B 81 28.54 6.47 -15.94
N TYR B 82 28.23 5.46 -15.11
CA TYR B 82 26.91 5.42 -14.45
C TYR B 82 26.76 6.56 -13.46
N LEU B 83 27.79 6.77 -12.62
CA LEU B 83 27.74 7.90 -11.68
C LEU B 83 27.68 9.22 -12.44
N THR B 84 28.46 9.34 -13.52
CA THR B 84 28.45 10.58 -14.30
C THR B 84 27.09 10.80 -14.97
N TYR B 85 26.44 9.71 -15.39
CA TYR B 85 25.07 9.82 -15.88
C TYR B 85 24.17 10.43 -14.81
N ALA B 86 24.24 9.91 -13.59
CA ALA B 86 23.41 10.46 -12.52
C ALA B 86 23.66 11.96 -12.36
N ARG B 87 24.92 12.35 -12.35
CA ARG B 87 25.26 13.76 -12.15
CA ARG B 87 25.26 13.76 -12.15
C ARG B 87 24.78 14.62 -13.32
N MET B 88 24.94 14.14 -14.55
CA MET B 88 24.55 14.95 -15.69
C MET B 88 23.04 15.00 -15.85
N ALA B 89 22.34 13.94 -15.44
CA ALA B 89 20.88 13.99 -15.44
C ALA B 89 20.38 15.04 -14.45
N GLN B 90 21.11 15.24 -13.35
CA GLN B 90 20.73 16.31 -12.42
C GLN B 90 20.97 17.68 -13.03
N ILE B 91 22.13 17.88 -13.66
CA ILE B 91 22.41 19.16 -14.28
C ILE B 91 21.36 19.48 -15.34
N LEU B 92 20.90 18.47 -16.08
CA LEU B 92 19.97 18.66 -17.18
C LEU B 92 18.53 18.25 -16.81
N ASP B 93 18.21 18.20 -15.52
CA ASP B 93 16.92 17.67 -15.07
C ASP B 93 15.75 18.51 -15.61
N THR B 94 14.78 17.84 -16.24
CA THR B 94 13.57 18.49 -16.72
C THR B 94 12.40 18.40 -15.73
N THR B 95 12.60 17.71 -14.61
CA THR B 95 11.54 17.57 -13.62
C THR B 95 11.10 18.95 -13.13
N PRO B 96 9.81 19.28 -13.20
CA PRO B 96 9.35 20.56 -12.66
C PRO B 96 9.38 20.56 -11.14
N GLN B 97 9.20 21.76 -10.55
CA GLN B 97 9.04 21.88 -9.10
C GLN B 97 7.59 21.63 -8.71
N PRO B 98 7.36 21.08 -7.51
CA PRO B 98 5.97 20.86 -7.04
C PRO B 98 5.13 22.11 -6.98
N ALA B 99 5.75 23.27 -6.72
CA ALA B 99 5.01 24.53 -6.67
C ALA B 99 5.98 25.68 -6.87
N GLN B 100 5.42 26.84 -7.19
CA GLN B 100 6.21 28.07 -7.31
C GLN B 100 5.44 29.20 -6.65
N ASN B 101 6.12 29.93 -5.74
CA ASN B 101 5.53 31.01 -4.96
C ASN B 101 4.45 30.46 -4.02
N ILE B 102 3.56 31.32 -3.51
CA ILE B 102 2.53 30.91 -2.57
C ILE B 102 1.17 31.04 -3.25
N ALA B 103 0.48 29.90 -3.42
CA ALA B 103 -0.78 29.91 -4.14
C ALA B 103 -1.85 30.65 -3.34
N PRO B 104 -2.64 31.52 -3.99
CA PRO B 104 -3.77 32.16 -3.29
C PRO B 104 -4.74 31.18 -2.65
N SER B 105 -4.86 29.97 -3.20
CA SER B 105 -5.78 28.96 -2.69
C SER B 105 -5.20 28.13 -1.55
N ALA B 106 -3.92 28.29 -1.22
CA ALA B 106 -3.37 27.60 -0.06
C ALA B 106 -3.94 28.22 1.20
N VAL B 107 -4.16 27.40 2.22
CA VAL B 107 -4.68 27.86 3.50
C VAL B 107 -3.57 27.72 4.53
N ILE B 108 -3.06 28.84 5.00
CA ILE B 108 -1.84 28.86 5.80
C ILE B 108 -2.13 29.55 7.13
N ASP B 109 -1.94 28.82 8.23
CA ASP B 109 -2.20 29.40 9.53
C ASP B 109 -1.31 30.63 9.76
N ALA B 110 -1.87 31.64 10.42
CA ALA B 110 -1.14 32.89 10.60
C ALA B 110 0.14 32.70 11.42
N THR B 111 0.22 31.66 12.25
CA THR B 111 1.41 31.45 13.07
C THR B 111 2.50 30.63 12.38
N ALA B 112 2.29 30.20 11.15
CA ALA B 112 3.33 29.46 10.44
C ALA B 112 4.52 30.36 10.15
N LYS B 113 5.72 29.80 10.19
CA LYS B 113 6.95 30.54 9.94
C LYS B 113 7.60 30.02 8.66
N LEU B 114 7.76 30.91 7.69
CA LEU B 114 8.37 30.57 6.41
C LEU B 114 9.75 31.21 6.29
N GLY B 115 10.71 30.45 5.78
CA GLY B 115 12.00 30.97 5.39
C GLY B 115 11.92 31.69 4.05
N ASN B 116 13.09 31.91 3.46
CA ASN B 116 13.18 32.61 2.19
C ASN B 116 12.96 31.66 1.02
N ASN B 117 12.27 32.13 -0.01
CA ASN B 117 12.12 31.38 -1.25
C ASN B 117 11.28 30.11 -1.05
N VAL B 118 10.30 30.16 -0.16
CA VAL B 118 9.40 29.04 0.07
C VAL B 118 8.30 29.05 -0.98
N SER B 119 7.90 27.87 -1.47
CA SER B 119 6.76 27.76 -2.37
C SER B 119 5.72 26.81 -1.79
N ILE B 120 4.45 27.20 -1.89
CA ILE B 120 3.35 26.38 -1.40
C ILE B 120 2.30 26.29 -2.49
N GLY B 121 1.99 25.08 -2.93
CA GLY B 121 1.10 24.90 -4.06
C GLY B 121 -0.37 25.11 -3.71
N ALA B 122 -1.18 25.09 -4.76
CA ALA B 122 -2.60 25.37 -4.65
C ALA B 122 -3.28 24.38 -3.71
N ASN B 123 -4.14 24.92 -2.85
CA ASN B 123 -4.99 24.17 -1.93
C ASN B 123 -4.21 23.36 -0.90
N ALA B 124 -2.90 23.59 -0.75
CA ALA B 124 -2.18 23.02 0.39
C ALA B 124 -2.68 23.67 1.68
N VAL B 125 -2.58 22.93 2.77
CA VAL B 125 -3.06 23.38 4.07
C VAL B 125 -1.91 23.27 5.06
N ILE B 126 -1.58 24.38 5.72
CA ILE B 126 -0.48 24.48 6.66
C ILE B 126 -1.05 24.86 8.02
N GLU B 127 -0.84 24.00 9.02
CA GLU B 127 -1.42 24.17 10.35
C GLU B 127 -0.65 25.21 11.15
N SER B 128 -1.16 25.47 12.35
CA SER B 128 -0.52 26.41 13.26
C SER B 128 0.85 25.89 13.68
N GLY B 129 1.78 26.83 13.90
CA GLY B 129 3.09 26.50 14.42
C GLY B 129 4.05 25.83 13.46
N VAL B 130 3.66 25.60 12.21
CA VAL B 130 4.55 24.94 11.26
C VAL B 130 5.71 25.85 10.92
N GLU B 131 6.87 25.25 10.67
CA GLU B 131 8.07 25.97 10.27
C GLU B 131 8.61 25.35 8.99
N LEU B 132 8.67 26.14 7.93
CA LEU B 132 9.23 25.73 6.65
C LEU B 132 10.54 26.48 6.45
N GLY B 133 11.62 25.75 6.25
CA GLY B 133 12.93 26.34 6.06
C GLY B 133 13.10 26.94 4.68
N ASP B 134 14.26 27.59 4.50
CA ASP B 134 14.59 28.20 3.22
C ASP B 134 14.43 27.20 2.09
N ASN B 135 13.82 27.66 0.99
CA ASN B 135 13.74 26.91 -0.25
C ASN B 135 12.83 25.68 -0.15
N VAL B 136 12.01 25.58 0.89
CA VAL B 136 11.11 24.45 1.00
C VAL B 136 9.97 24.60 -0.01
N ILE B 137 9.57 23.49 -0.64
CA ILE B 137 8.48 23.49 -1.61
C ILE B 137 7.43 22.48 -1.15
N ILE B 138 6.20 22.96 -0.97
CA ILE B 138 5.06 22.15 -0.56
C ILE B 138 4.13 22.03 -1.76
N GLY B 139 3.91 20.81 -2.23
CA GLY B 139 3.11 20.61 -3.43
C GLY B 139 1.63 20.89 -3.21
N ALA B 140 0.90 20.91 -4.32
CA ALA B 140 -0.53 21.16 -4.27
C ALA B 140 -1.21 20.14 -3.35
N GLY B 141 -2.21 20.62 -2.61
CA GLY B 141 -3.06 19.71 -1.85
C GLY B 141 -2.42 19.02 -0.66
N CYS B 142 -1.21 19.40 -0.25
CA CYS B 142 -0.61 18.75 0.90
C CYS B 142 -1.30 19.20 2.19
N PHE B 143 -1.09 18.42 3.25
CA PHE B 143 -1.43 18.83 4.60
C PHE B 143 -0.17 18.74 5.45
N VAL B 144 0.11 19.78 6.22
CA VAL B 144 1.22 19.76 7.17
C VAL B 144 0.66 20.15 8.53
N GLY B 145 0.70 19.20 9.49
CA GLY B 145 0.01 19.36 10.75
C GLY B 145 0.75 20.21 11.76
N LYS B 146 0.09 20.41 12.89
CA LYS B 146 0.50 21.42 13.85
C LYS B 146 1.92 21.22 14.34
N ASN B 147 2.69 22.31 14.33
CA ASN B 147 4.02 22.42 14.92
C ASN B 147 5.07 21.58 14.20
N SER B 148 4.76 21.04 13.02
CA SER B 148 5.77 20.25 12.32
C SER B 148 6.79 21.18 11.67
N LYS B 149 7.99 20.66 11.47
CA LYS B 149 9.13 21.43 10.99
C LYS B 149 9.75 20.73 9.80
N ILE B 150 9.90 21.47 8.69
CA ILE B 150 10.47 20.95 7.46
C ILE B 150 11.70 21.77 7.12
N GLY B 151 12.86 21.10 7.07
CA GLY B 151 14.11 21.80 6.94
C GLY B 151 14.41 22.26 5.53
N ALA B 152 15.38 23.18 5.45
CA ALA B 152 15.69 23.87 4.20
C ALA B 152 15.91 22.90 3.05
N GLY B 153 15.40 23.29 1.88
CA GLY B 153 15.61 22.52 0.67
C GLY B 153 14.71 21.32 0.48
N SER B 154 13.93 20.95 1.50
CA SER B 154 13.07 19.77 1.38
C SER B 154 11.84 20.06 0.53
N ARG B 155 11.36 19.04 -0.16
CA ARG B 155 10.24 19.21 -1.08
C ARG B 155 9.23 18.07 -0.93
N LEU B 156 7.96 18.43 -0.89
CA LEU B 156 6.84 17.49 -0.92
C LEU B 156 6.12 17.61 -2.26
N TRP B 157 5.90 16.49 -2.92
CA TRP B 157 5.06 16.49 -4.10
C TRP B 157 3.60 16.71 -3.67
N ALA B 158 2.69 16.66 -4.62
CA ALA B 158 1.30 16.95 -4.30
C ALA B 158 0.71 15.87 -3.39
N ASN B 159 -0.28 16.26 -2.58
CA ASN B 159 -1.10 15.28 -1.87
C ASN B 159 -0.26 14.39 -0.93
N VAL B 160 0.73 15.01 -0.27
CA VAL B 160 1.48 14.39 0.82
C VAL B 160 0.87 14.85 2.12
N THR B 161 0.77 13.95 3.10
CA THR B 161 0.21 14.27 4.41
C THR B 161 1.29 14.15 5.47
N ILE B 162 1.56 15.25 6.16
CA ILE B 162 2.42 15.27 7.33
C ILE B 162 1.55 15.58 8.54
N TYR B 163 1.58 14.71 9.54
CA TYR B 163 0.82 14.99 10.76
C TYR B 163 1.52 16.04 11.61
N HIS B 164 1.20 16.08 12.90
CA HIS B 164 1.66 17.10 13.83
C HIS B 164 2.95 16.66 14.52
N GLU B 165 3.73 17.67 14.96
CA GLU B 165 4.98 17.47 15.71
C GLU B 165 5.98 16.59 14.94
N ILE B 166 5.94 16.62 13.62
CA ILE B 166 6.88 15.86 12.79
C ILE B 166 8.08 16.73 12.48
N GLN B 167 9.27 16.13 12.45
CA GLN B 167 10.49 16.85 12.12
C GLN B 167 11.11 16.22 10.88
N ILE B 168 11.31 17.04 9.86
CA ILE B 168 11.95 16.61 8.62
C ILE B 168 13.19 17.48 8.40
N GLY B 169 14.29 16.85 8.01
CA GLY B 169 15.54 17.55 7.84
C GLY B 169 15.63 18.30 6.53
N GLN B 170 16.88 18.55 6.11
CA GLN B 170 17.16 19.32 4.91
C GLN B 170 17.23 18.42 3.69
N ASN B 171 16.81 18.97 2.55
CA ASN B 171 17.03 18.35 1.25
C ASN B 171 16.39 16.97 1.15
N CYS B 172 15.25 16.80 1.82
CA CYS B 172 14.44 15.60 1.66
C CYS B 172 13.52 15.76 0.46
N LEU B 173 13.02 14.63 -0.03
CA LEU B 173 12.05 14.59 -1.12
C LEU B 173 11.03 13.52 -0.79
N ILE B 174 9.75 13.89 -0.79
CA ILE B 174 8.68 12.95 -0.45
C ILE B 174 7.67 12.94 -1.59
N GLN B 175 7.42 11.76 -2.14
CA GLN B 175 6.52 11.62 -3.27
C GLN B 175 5.06 11.59 -2.79
N SER B 176 4.14 11.75 -3.74
CA SER B 176 2.73 11.95 -3.44
C SER B 176 2.10 10.73 -2.76
N GLY B 177 1.04 11.00 -2.00
CA GLY B 177 0.26 9.97 -1.36
C GLY B 177 0.87 9.44 -0.10
N THR B 178 2.07 9.87 0.26
CA THR B 178 2.74 9.37 1.44
C THR B 178 2.17 10.06 2.69
N VAL B 179 2.16 9.33 3.79
CA VAL B 179 1.60 9.80 5.05
C VAL B 179 2.67 9.61 6.13
N VAL B 180 3.09 10.70 6.75
CA VAL B 180 4.11 10.65 7.79
C VAL B 180 3.49 11.10 9.10
N GLY B 181 3.52 10.24 10.10
CA GLY B 181 3.13 10.63 11.43
C GLY B 181 1.76 10.21 11.87
N ALA B 182 1.08 9.33 11.12
CA ALA B 182 -0.19 8.78 11.58
C ALA B 182 0.01 7.95 12.85
N ASP B 183 -1.09 7.68 13.57
CA ASP B 183 -1.02 6.88 14.80
C ASP B 183 -0.44 5.51 14.52
N GLY B 184 0.51 5.09 15.36
CA GLY B 184 0.89 3.68 15.41
C GLY B 184 -0.29 2.82 15.83
N PHE B 185 -0.10 1.51 15.65
CA PHE B 185 -1.16 0.54 15.90
C PHE B 185 -1.18 0.14 17.37
N GLY B 186 -1.46 1.10 18.25
CA GLY B 186 -1.38 0.87 19.68
C GLY B 186 -2.71 0.79 20.42
N TYR B 187 -2.98 -0.35 21.07
CA TYR B 187 -4.23 -0.57 21.78
C TYR B 187 -4.00 -1.47 22.98
N ALA B 188 -4.63 -1.11 24.10
CA ALA B 188 -4.78 -2.05 25.19
C ALA B 188 -6.03 -2.88 24.94
N ASN B 189 -6.35 -3.80 25.84
CA ASN B 189 -7.46 -4.70 25.60
C ASN B 189 -8.18 -4.91 26.91
N ASP B 190 -9.46 -4.55 26.91
CA ASP B 190 -10.32 -4.67 28.08
C ASP B 190 -11.40 -5.69 27.70
N ARG B 191 -11.14 -6.96 28.01
CA ARG B 191 -12.11 -8.04 27.80
C ARG B 191 -12.59 -8.09 26.36
N GLY B 192 -11.65 -8.17 25.43
CA GLY B 192 -11.97 -8.23 24.02
C GLY B 192 -12.20 -6.89 23.35
N ASN B 193 -12.44 -5.82 24.12
CA ASN B 193 -12.57 -4.49 23.56
C ASN B 193 -11.22 -3.77 23.49
N TRP B 194 -10.87 -3.30 22.29
CA TRP B 194 -9.63 -2.56 22.09
C TRP B 194 -9.75 -1.17 22.68
N VAL B 195 -8.76 -0.78 23.48
CA VAL B 195 -8.72 0.55 24.09
C VAL B 195 -7.56 1.31 23.45
N LYS B 196 -7.87 2.39 22.73
CA LYS B 196 -6.84 3.13 22.04
C LYS B 196 -5.78 3.64 23.01
N ILE B 197 -4.52 3.48 22.62
CA ILE B 197 -3.40 4.13 23.29
C ILE B 197 -3.01 5.35 22.45
N PRO B 198 -3.24 6.56 22.91
CA PRO B 198 -2.80 7.73 22.14
C PRO B 198 -1.32 7.62 21.80
N GLN B 199 -0.98 7.97 20.57
CA GLN B 199 0.38 7.83 20.07
C GLN B 199 1.00 9.23 20.11
N ILE B 200 1.69 9.53 21.20
CA ILE B 200 2.16 10.89 21.43
C ILE B 200 3.66 11.04 21.19
N GLY B 201 4.33 9.98 20.73
CA GLY B 201 5.63 10.14 20.13
C GLY B 201 5.51 10.81 18.77
N ARG B 202 6.65 10.86 18.07
CA ARG B 202 6.73 11.63 16.83
C ARG B 202 7.39 10.81 15.73
N VAL B 203 7.63 11.44 14.58
CA VAL B 203 8.53 10.93 13.57
C VAL B 203 9.65 11.95 13.41
N ILE B 204 10.89 11.48 13.41
CA ILE B 204 12.06 12.32 13.15
C ILE B 204 12.72 11.80 11.89
N ILE B 205 12.76 12.62 10.85
CA ILE B 205 13.37 12.27 9.57
C ILE B 205 14.60 13.16 9.39
N GLY B 206 15.74 12.54 9.08
CA GLY B 206 17.00 13.26 8.97
C GLY B 206 17.13 14.04 7.67
N ASP B 207 18.38 14.34 7.31
CA ASP B 207 18.67 15.07 6.08
C ASP B 207 18.82 14.11 4.90
N ARG B 208 18.48 14.60 3.71
CA ARG B 208 18.73 13.89 2.47
C ARG B 208 17.98 12.56 2.41
N VAL B 209 16.79 12.52 2.97
CA VAL B 209 15.93 11.33 2.95
C VAL B 209 14.98 11.45 1.77
N GLU B 210 14.84 10.36 1.01
CA GLU B 210 13.90 10.31 -0.10
C GLU B 210 12.89 9.22 0.19
N ILE B 211 11.60 9.55 0.05
CA ILE B 211 10.53 8.62 0.36
C ILE B 211 9.59 8.54 -0.83
N GLY B 212 9.20 7.32 -1.21
CA GLY B 212 8.38 7.09 -2.36
C GLY B 212 6.92 7.39 -2.12
N ALA B 213 6.09 6.97 -3.06
CA ALA B 213 4.68 7.31 -3.08
C ALA B 213 3.86 6.28 -2.29
N CYS B 214 2.79 6.76 -1.65
CA CYS B 214 1.90 5.92 -0.86
C CYS B 214 2.68 5.05 0.14
N THR B 215 3.70 5.64 0.74
CA THR B 215 4.41 5.02 1.87
C THR B 215 3.87 5.62 3.16
N THR B 216 3.83 4.82 4.23
CA THR B 216 3.35 5.33 5.52
C THR B 216 4.41 5.13 6.59
N ILE B 217 4.60 6.15 7.41
CA ILE B 217 5.57 6.12 8.51
C ILE B 217 4.82 6.60 9.75
N ASP B 218 4.52 5.70 10.66
CA ASP B 218 3.71 6.04 11.82
C ASP B 218 4.55 6.70 12.91
N ARG B 219 3.91 7.58 13.67
CA ARG B 219 4.54 8.22 14.81
C ARG B 219 4.69 7.22 15.95
N GLY B 220 5.63 7.51 16.86
CA GLY B 220 5.86 6.61 17.98
C GLY B 220 4.79 6.71 19.07
N ALA B 221 4.75 5.68 19.93
CA ALA B 221 3.76 5.65 21.00
C ALA B 221 4.12 6.64 22.10
N LEU B 222 5.40 6.72 22.45
CA LEU B 222 5.91 7.62 23.48
C LEU B 222 7.25 8.17 23.00
N ASP B 223 8.19 7.26 22.73
CA ASP B 223 9.41 7.61 22.00
C ASP B 223 9.08 7.82 20.52
N ASP B 224 10.11 8.09 19.73
CA ASP B 224 9.95 8.51 18.35
C ASP B 224 10.28 7.41 17.35
N THR B 225 9.58 7.44 16.22
CA THR B 225 10.04 6.78 15.01
C THR B 225 11.15 7.63 14.38
N ILE B 226 12.25 6.98 13.99
CA ILE B 226 13.43 7.72 13.55
C ILE B 226 13.94 7.18 12.23
N ILE B 227 14.08 8.06 11.24
CA ILE B 227 14.63 7.74 9.94
C ILE B 227 15.95 8.50 9.81
N GLY B 228 17.05 7.77 9.67
CA GLY B 228 18.36 8.39 9.65
C GLY B 228 18.63 9.20 8.39
N ASN B 229 19.81 9.83 8.38
CA ASN B 229 20.21 10.61 7.23
C ASN B 229 20.51 9.73 6.03
N GLY B 230 20.17 10.24 4.85
CA GLY B 230 20.54 9.60 3.61
C GLY B 230 19.80 8.33 3.28
N VAL B 231 18.73 8.05 4.00
CA VAL B 231 17.91 6.86 3.78
C VAL B 231 17.05 7.07 2.55
N ILE B 232 16.89 6.02 1.74
CA ILE B 232 15.98 6.05 0.60
C ILE B 232 14.93 4.95 0.80
N ILE B 233 13.66 5.31 0.60
CA ILE B 233 12.53 4.42 0.83
C ILE B 233 11.62 4.50 -0.39
N ASP B 234 11.26 3.33 -0.91
CA ASP B 234 10.51 3.19 -2.17
C ASP B 234 9.02 3.38 -1.89
N ASN B 235 8.18 3.08 -2.88
CA ASN B 235 6.72 3.18 -2.79
C ASN B 235 6.15 2.08 -1.90
N GLN B 236 4.95 2.34 -1.37
CA GLN B 236 4.10 1.31 -0.75
C GLN B 236 4.77 0.67 0.47
N CYS B 237 5.72 1.35 1.10
CA CYS B 237 6.37 0.80 2.29
C CYS B 237 5.56 1.17 3.52
N GLN B 238 5.69 0.34 4.55
CA GLN B 238 5.02 0.58 5.81
C GLN B 238 6.06 0.51 6.92
N ILE B 239 6.24 1.63 7.61
CA ILE B 239 7.23 1.75 8.66
C ILE B 239 6.46 2.02 9.93
N ALA B 240 6.41 1.03 10.82
CA ALA B 240 5.54 1.10 11.98
C ALA B 240 6.10 2.07 13.03
N HIS B 241 5.28 2.31 14.05
CA HIS B 241 5.68 3.15 15.17
C HIS B 241 6.97 2.63 15.81
N ASN B 242 7.83 3.56 16.18
CA ASN B 242 9.06 3.31 16.94
C ASN B 242 10.08 2.48 16.17
N VAL B 243 9.92 2.35 14.85
CA VAL B 243 11.00 1.83 14.03
C VAL B 243 12.13 2.86 13.98
N VAL B 244 13.37 2.37 14.00
CA VAL B 244 14.57 3.21 13.85
C VAL B 244 15.35 2.68 12.65
N ILE B 245 15.63 3.54 11.68
CA ILE B 245 16.38 3.15 10.49
C ILE B 245 17.66 3.95 10.43
N GLY B 246 18.80 3.24 10.36
CA GLY B 246 20.09 3.91 10.37
C GLY B 246 20.47 4.52 9.03
N ASP B 247 21.48 5.41 9.09
CA ASP B 247 21.90 6.22 7.96
C ASP B 247 22.15 5.38 6.71
N ASN B 248 21.76 5.92 5.55
CA ASN B 248 22.07 5.43 4.22
C ASN B 248 21.46 4.07 3.90
N THR B 249 20.61 3.53 4.77
CA THR B 249 19.92 2.28 4.48
C THR B 249 18.92 2.50 3.34
N ALA B 250 18.74 1.47 2.52
CA ALA B 250 17.82 1.53 1.39
C ALA B 250 16.71 0.52 1.60
N VAL B 251 15.47 0.94 1.39
CA VAL B 251 14.29 0.09 1.56
C VAL B 251 13.52 0.09 0.24
N ALA B 252 13.44 -1.06 -0.42
CA ALA B 252 12.80 -1.16 -1.72
C ALA B 252 11.28 -1.26 -1.56
N GLY B 253 10.56 -1.32 -2.68
CA GLY B 253 9.12 -1.11 -2.64
C GLY B 253 8.37 -2.20 -1.91
N GLY B 254 7.30 -1.78 -1.21
CA GLY B 254 6.39 -2.73 -0.61
C GLY B 254 6.88 -3.41 0.65
N VAL B 255 7.95 -2.91 1.26
CA VAL B 255 8.48 -3.50 2.48
C VAL B 255 7.59 -3.12 3.66
N ILE B 256 7.36 -4.07 4.55
CA ILE B 256 6.59 -3.82 5.76
C ILE B 256 7.49 -4.06 6.97
N MET B 257 7.53 -3.09 7.87
CA MET B 257 8.32 -3.19 9.10
C MET B 257 7.40 -3.01 10.30
N ALA B 258 7.48 -3.95 11.23
CA ALA B 258 6.61 -3.95 12.40
C ALA B 258 7.21 -3.07 13.50
N GLY B 259 6.43 -2.87 14.56
CA GLY B 259 6.79 -1.88 15.55
C GLY B 259 8.10 -2.21 16.25
N SER B 260 8.84 -1.15 16.58
CA SER B 260 10.04 -1.19 17.42
C SER B 260 11.17 -1.99 16.80
N LEU B 261 11.16 -2.16 15.49
CA LEU B 261 12.30 -2.71 14.78
C LEU B 261 13.41 -1.65 14.70
N LYS B 262 14.65 -2.08 14.92
CA LYS B 262 15.82 -1.24 14.72
C LYS B 262 16.65 -1.83 13.59
N ILE B 263 16.84 -1.05 12.51
CA ILE B 263 17.69 -1.43 11.38
C ILE B 263 18.93 -0.55 11.41
N GLY B 264 20.10 -1.15 11.19
CA GLY B 264 21.35 -0.42 11.20
C GLY B 264 21.62 0.38 9.93
N ARG B 265 22.88 0.76 9.77
CA ARG B 265 23.33 1.62 8.69
C ARG B 265 23.72 0.80 7.47
N TYR B 266 23.56 1.40 6.29
CA TYR B 266 24.00 0.78 5.04
C TYR B 266 23.33 -0.56 4.80
N CYS B 267 22.09 -0.74 5.29
CA CYS B 267 21.36 -1.95 4.98
C CYS B 267 20.64 -1.78 3.65
N MET B 268 20.32 -2.92 3.03
CA MET B 268 19.59 -2.95 1.78
C MET B 268 18.46 -3.95 1.94
N ILE B 269 17.22 -3.45 1.96
CA ILE B 269 16.05 -4.27 2.23
C ILE B 269 15.28 -4.45 0.92
N GLY B 270 15.26 -5.67 0.42
CA GLY B 270 14.66 -5.95 -0.88
C GLY B 270 13.15 -5.82 -0.87
N GLY B 271 12.62 -5.64 -2.08
CA GLY B 271 11.19 -5.35 -2.22
C GLY B 271 10.32 -6.43 -1.61
N ALA B 272 9.23 -5.99 -1.01
CA ALA B 272 8.18 -6.86 -0.46
C ALA B 272 8.64 -7.72 0.70
N SER B 273 9.80 -7.41 1.30
CA SER B 273 10.22 -8.07 2.52
C SER B 273 9.27 -7.74 3.66
N VAL B 274 9.24 -8.62 4.66
CA VAL B 274 8.43 -8.44 5.85
C VAL B 274 9.36 -8.57 7.05
N ILE B 275 9.51 -7.49 7.82
CA ILE B 275 10.46 -7.49 8.94
C ILE B 275 9.69 -7.33 10.23
N ASN B 276 9.80 -8.33 11.10
CA ASN B 276 9.09 -8.29 12.36
C ASN B 276 9.79 -7.35 13.35
N GLY B 277 9.12 -7.06 14.46
CA GLY B 277 9.51 -5.98 15.33
C GLY B 277 10.14 -6.43 16.64
N HIS B 278 10.40 -5.46 17.50
CA HIS B 278 11.09 -5.69 18.78
C HIS B 278 12.34 -6.53 18.59
N MET B 279 13.14 -6.17 17.60
CA MET B 279 14.40 -6.84 17.33
C MET B 279 15.29 -5.88 16.55
N GLU B 280 16.54 -6.30 16.36
CA GLU B 280 17.51 -5.44 15.72
C GLU B 280 18.18 -6.13 14.55
N ILE B 281 18.44 -5.36 13.50
CA ILE B 281 19.25 -5.77 12.36
C ILE B 281 20.49 -4.91 12.37
N CYS B 282 21.66 -5.54 12.38
CA CYS B 282 22.93 -4.81 12.46
C CYS B 282 23.23 -4.09 11.14
N ASP B 283 24.35 -3.36 11.12
CA ASP B 283 24.77 -2.62 9.93
C ASP B 283 25.11 -3.56 8.78
N LYS B 284 24.96 -3.06 7.56
CA LYS B 284 25.46 -3.71 6.34
C LYS B 284 24.84 -5.10 6.14
N VAL B 285 23.52 -5.16 6.36
CA VAL B 285 22.73 -6.36 6.13
C VAL B 285 21.94 -6.16 4.84
N THR B 286 21.96 -7.17 3.96
CA THR B 286 21.09 -7.21 2.79
C THR B 286 20.06 -8.31 2.98
N VAL B 287 18.79 -7.96 2.85
CA VAL B 287 17.68 -8.91 2.84
C VAL B 287 17.14 -8.94 1.42
N THR B 288 17.21 -10.09 0.76
CA THR B 288 16.73 -10.16 -0.61
C THR B 288 15.19 -10.10 -0.62
N GLY B 289 14.65 -9.79 -1.80
CA GLY B 289 13.22 -9.52 -1.92
C GLY B 289 12.30 -10.58 -1.33
N MET B 290 11.19 -10.15 -0.74
CA MET B 290 10.21 -11.01 -0.09
C MET B 290 10.75 -11.73 1.15
N GLY B 291 11.84 -11.22 1.71
CA GLY B 291 12.41 -11.86 2.88
C GLY B 291 11.45 -11.84 4.05
N MET B 292 11.38 -12.96 4.75
CA MET B 292 10.53 -13.12 5.93
C MET B 292 11.46 -13.12 7.13
N VAL B 293 11.57 -11.96 7.79
CA VAL B 293 12.58 -11.75 8.83
C VAL B 293 11.90 -11.91 10.18
N MET B 294 12.21 -13.01 10.86
CA MET B 294 11.58 -13.32 12.14
C MET B 294 12.52 -13.20 13.34
N ARG B 295 13.83 -13.16 13.12
CA ARG B 295 14.80 -13.17 14.20
C ARG B 295 15.79 -12.03 14.01
N PRO B 296 16.44 -11.59 15.09
CA PRO B 296 17.50 -10.59 14.96
C PRO B 296 18.59 -11.06 14.01
N ILE B 297 19.24 -10.08 13.36
CA ILE B 297 20.38 -10.34 12.49
C ILE B 297 21.57 -9.62 13.10
N THR B 298 22.58 -10.39 13.51
CA THR B 298 23.70 -9.85 14.27
C THR B 298 25.00 -9.81 13.49
N GLU B 299 25.02 -10.32 12.27
CA GLU B 299 26.21 -10.28 11.43
C GLU B 299 25.85 -9.69 10.08
N PRO B 300 26.74 -8.91 9.50
CA PRO B 300 26.52 -8.40 8.14
C PRO B 300 26.51 -9.54 7.13
N GLY B 301 25.99 -9.24 5.95
CA GLY B 301 25.94 -10.21 4.88
C GLY B 301 24.56 -10.25 4.26
N VAL B 302 24.34 -11.24 3.40
CA VAL B 302 23.13 -11.33 2.58
C VAL B 302 22.26 -12.47 3.12
N TYR B 303 20.98 -12.19 3.32
CA TYR B 303 20.04 -13.15 3.86
C TYR B 303 18.82 -13.23 2.95
N SER B 304 18.24 -14.43 2.86
CA SER B 304 17.20 -14.72 1.87
C SER B 304 16.19 -15.69 2.46
N SER B 305 14.96 -15.64 1.92
CA SER B 305 13.98 -16.67 2.23
C SER B 305 13.05 -16.84 1.04
N GLY B 306 12.26 -17.90 1.08
CA GLY B 306 11.16 -18.07 0.13
C GLY B 306 11.45 -19.18 -0.87
N ILE B 307 10.41 -19.93 -1.21
CA ILE B 307 10.49 -20.98 -2.22
C ILE B 307 9.93 -20.43 -3.52
N PRO B 308 10.75 -20.29 -4.57
CA PRO B 308 10.30 -19.64 -5.81
C PRO B 308 9.23 -20.41 -6.56
N LEU B 309 8.77 -19.81 -7.65
CA LEU B 309 7.67 -20.29 -8.46
C LEU B 309 7.97 -21.62 -9.16
N GLN B 310 6.94 -22.44 -9.31
CA GLN B 310 6.98 -23.62 -10.14
C GLN B 310 5.70 -23.71 -10.95
N PRO B 311 5.67 -24.53 -12.00
CA PRO B 311 4.39 -24.82 -12.66
C PRO B 311 3.40 -25.30 -11.61
N ASN B 312 2.13 -24.88 -11.75
CA ASN B 312 1.16 -25.14 -10.69
C ASN B 312 1.09 -26.62 -10.33
N LYS B 313 1.06 -27.49 -11.33
CA LYS B 313 0.96 -28.92 -11.02
C LYS B 313 2.17 -29.40 -10.24
N VAL B 314 3.36 -28.86 -10.55
CA VAL B 314 4.55 -29.19 -9.78
C VAL B 314 4.48 -28.60 -8.38
N TRP B 315 4.03 -27.34 -8.28
CA TRP B 315 3.91 -26.71 -6.98
C TRP B 315 2.97 -27.48 -6.06
N ARG B 316 1.84 -27.97 -6.60
CA ARG B 316 0.91 -28.71 -5.75
C ARG B 316 1.60 -29.89 -5.06
N LYS B 317 2.47 -30.58 -5.78
CA LYS B 317 3.16 -31.72 -5.19
C LYS B 317 4.20 -31.25 -4.18
N THR B 318 5.00 -30.25 -4.54
CA THR B 318 5.97 -29.68 -3.62
C THR B 318 5.31 -29.28 -2.31
N ALA B 319 4.24 -28.49 -2.40
CA ALA B 319 3.58 -27.99 -1.19
C ALA B 319 3.07 -29.15 -0.33
N ALA B 320 2.45 -30.16 -0.97
CA ALA B 320 1.93 -31.28 -0.20
C ALA B 320 3.06 -32.01 0.54
N LEU B 321 4.18 -32.23 -0.14
CA LEU B 321 5.29 -32.95 0.47
C LEU B 321 5.91 -32.12 1.60
N VAL B 322 6.11 -30.83 1.38
CA VAL B 322 6.67 -29.98 2.42
C VAL B 322 5.76 -29.96 3.65
N MET B 323 4.46 -29.80 3.42
CA MET B 323 3.53 -29.76 4.54
C MET B 323 3.56 -31.07 5.32
N ASN B 324 3.90 -32.18 4.67
CA ASN B 324 4.05 -33.48 5.32
C ASN B 324 5.50 -33.83 5.62
N ILE B 325 6.40 -32.83 5.71
CA ILE B 325 7.81 -33.14 5.84
C ILE B 325 8.13 -33.81 7.17
N ASP B 326 7.29 -33.65 8.20
CA ASP B 326 7.58 -34.29 9.49
C ASP B 326 7.45 -35.81 9.37
N ASP B 327 6.50 -36.28 8.57
CA ASP B 327 6.40 -37.71 8.31
C ASP B 327 7.62 -38.21 7.54
N MET B 328 8.10 -37.41 6.59
CA MET B 328 9.32 -37.77 5.88
C MET B 328 10.49 -37.89 6.84
N SER B 329 10.58 -36.94 7.79
CA SER B 329 11.62 -37.00 8.81
C SER B 329 11.54 -38.29 9.63
N LYS B 330 10.33 -38.67 10.07
CA LYS B 330 10.17 -39.86 10.90
C LYS B 330 10.50 -41.13 10.14
N ARG B 331 10.16 -41.17 8.84
CA ARG B 331 10.52 -42.32 8.04
C ARG B 331 12.03 -42.38 7.85
N LEU B 332 12.69 -41.24 7.68
CA LEU B 332 14.14 -41.25 7.55
C LEU B 332 14.79 -41.78 8.83
N LYS B 333 14.36 -41.26 10.00
CA LYS B 333 14.92 -41.75 11.26
C LYS B 333 14.65 -43.24 11.44
N SER B 334 13.45 -43.70 11.10
CA SER B 334 13.15 -45.11 11.24
CA SER B 334 13.14 -45.11 11.23
C SER B 334 14.05 -45.95 10.34
N LEU B 335 14.28 -45.48 9.11
CA LEU B 335 15.14 -46.23 8.20
C LEU B 335 16.58 -46.26 8.69
N GLU B 336 17.08 -45.14 9.23
CA GLU B 336 18.44 -45.12 9.79
C GLU B 336 18.58 -46.15 10.90
N ARG B 337 17.57 -46.24 11.77
CA ARG B 337 17.63 -47.19 12.87
C ARG B 337 17.70 -48.64 12.36
N LYS B 338 16.92 -48.96 11.33
CA LYS B 338 16.98 -50.30 10.74
C LYS B 338 18.35 -50.59 10.15
N VAL B 339 18.93 -49.62 9.44
CA VAL B 339 20.25 -49.84 8.87
C VAL B 339 21.31 -49.92 9.95
N ASN B 340 21.07 -49.30 11.12
CA ASN B 340 21.94 -49.46 12.28
C ASN B 340 21.72 -50.77 13.00
N GLN B 341 20.87 -51.65 12.46
CA GLN B 341 20.65 -52.96 13.07
C GLN B 341 20.02 -52.86 14.45
N GLN B 342 19.14 -51.89 14.67
CA GLN B 342 18.43 -51.82 15.94
C GLN B 342 16.92 -51.95 15.76
N GLY C 4 -4.40 18.76 29.18
CA GLY C 4 -4.62 19.76 30.23
C GLY C 4 -4.23 19.20 31.60
N SER C 5 -3.52 20.01 32.38
CA SER C 5 -3.00 19.57 33.68
C SER C 5 -4.13 19.09 34.58
N ILE C 6 -3.77 18.27 35.56
CA ILE C 6 -4.75 17.65 36.44
C ILE C 6 -4.06 17.29 37.75
N ARG C 7 -4.78 17.46 38.86
CA ARG C 7 -4.29 17.03 40.15
C ARG C 7 -4.20 15.51 40.20
N LEU C 8 -3.17 15.01 40.88
CA LEU C 8 -2.93 13.57 40.92
C LEU C 8 -4.10 12.84 41.61
N ALA C 9 -4.66 13.43 42.67
CA ALA C 9 -5.83 12.82 43.30
C ALA C 9 -7.00 12.72 42.33
N ASP C 10 -7.28 13.80 41.61
CA ASP C 10 -8.37 13.77 40.63
C ASP C 10 -8.08 12.76 39.53
N LEU C 11 -6.83 12.72 39.06
CA LEU C 11 -6.47 11.71 38.07
C LEU C 11 -6.70 10.31 38.62
N ALA C 12 -6.26 10.04 39.86
CA ALA C 12 -6.41 8.72 40.44
C ALA C 12 -7.87 8.32 40.59
N GLN C 13 -8.73 9.29 40.88
CA GLN C 13 -10.16 9.02 40.97
C GLN C 13 -10.73 8.59 39.63
N GLN C 14 -10.39 9.33 38.56
CA GLN C 14 -10.87 8.96 37.23
C GLN C 14 -10.35 7.59 36.80
N LEU C 15 -9.19 7.19 37.31
CA LEU C 15 -8.59 5.91 36.96
C LEU C 15 -9.02 4.80 37.89
N ASP C 16 -9.82 5.10 38.91
CA ASP C 16 -10.20 4.12 39.94
C ASP C 16 -8.95 3.48 40.55
N ALA C 17 -7.97 4.33 40.88
CA ALA C 17 -6.68 3.89 41.40
C ALA C 17 -6.52 4.32 42.85
N GLU C 18 -5.77 3.54 43.61
CA GLU C 18 -5.46 3.87 44.99
C GLU C 18 -4.23 4.77 45.04
N LEU C 19 -4.40 5.98 45.55
CA LEU C 19 -3.32 6.95 45.61
C LEU C 19 -2.45 6.70 46.84
N HIS C 20 -1.14 6.66 46.62
CA HIS C 20 -0.15 6.61 47.72
C HIS C 20 0.83 7.75 47.47
N GLY C 21 0.65 8.85 48.18
CA GLY C 21 1.49 10.02 48.01
C GLY C 21 0.65 11.28 47.98
N ASP C 22 1.25 12.36 47.49
CA ASP C 22 0.65 13.68 47.56
C ASP C 22 -0.42 13.84 46.48
N GLY C 23 -1.69 13.90 46.90
CA GLY C 23 -2.77 14.07 45.95
C GLY C 23 -2.82 15.42 45.26
N ASP C 24 -2.04 16.38 45.72
CA ASP C 24 -2.03 17.71 45.12
C ASP C 24 -0.98 17.87 44.03
N ILE C 25 -0.13 16.85 43.82
CA ILE C 25 0.84 16.90 42.72
C ILE C 25 0.09 17.17 41.42
N VAL C 26 0.65 18.08 40.61
CA VAL C 26 0.04 18.46 39.33
C VAL C 26 0.72 17.67 38.23
N ILE C 27 -0.06 16.84 37.53
CA ILE C 27 0.42 16.03 36.42
C ILE C 27 0.11 16.76 35.11
N THR C 28 1.12 16.89 34.25
CA THR C 28 0.99 17.58 32.98
C THR C 28 0.96 16.65 31.77
N GLY C 29 1.41 15.42 31.90
CA GLY C 29 1.41 14.52 30.77
C GLY C 29 2.00 13.17 31.14
N VAL C 30 1.89 12.25 30.19
CA VAL C 30 2.39 10.88 30.31
C VAL C 30 3.75 10.81 29.63
N ALA C 31 4.63 9.95 30.14
CA ALA C 31 5.95 9.77 29.57
C ALA C 31 6.43 8.36 29.88
N SER C 32 7.36 7.88 29.07
CA SER C 32 8.01 6.62 29.35
C SER C 32 8.82 6.72 30.64
N MET C 33 9.06 5.56 31.27
CA MET C 33 9.77 5.59 32.54
C MET C 33 11.12 6.30 32.41
N GLN C 34 11.83 6.07 31.30
CA GLN C 34 13.16 6.67 31.15
C GLN C 34 13.09 8.15 30.82
N SER C 35 12.07 8.61 30.09
CA SER C 35 11.97 10.01 29.72
C SER C 35 11.25 10.86 30.76
N ALA C 36 10.52 10.25 31.70
CA ALA C 36 9.64 11.01 32.58
C ALA C 36 10.43 12.00 33.44
N GLN C 37 9.93 13.24 33.49
CA GLN C 37 10.47 14.31 34.32
C GLN C 37 9.38 14.77 35.29
N THR C 38 9.72 15.78 36.09
CA THR C 38 8.73 16.32 37.02
C THR C 38 7.51 16.77 36.25
N GLY C 39 6.33 16.56 36.84
CA GLY C 39 5.07 16.82 36.18
C GLY C 39 4.52 15.67 35.37
N HIS C 40 5.31 14.63 35.12
CA HIS C 40 4.90 13.48 34.33
C HIS C 40 4.42 12.34 35.22
N ILE C 41 3.43 11.60 34.74
CA ILE C 41 3.08 10.30 35.28
C ILE C 41 3.57 9.24 34.31
N THR C 42 4.04 8.12 34.84
CA THR C 42 4.46 6.99 34.01
C THR C 42 3.90 5.71 34.63
N PHE C 43 4.33 4.56 34.13
CA PHE C 43 3.74 3.30 34.56
C PHE C 43 4.81 2.22 34.54
N MET C 44 4.64 1.22 35.40
CA MET C 44 5.55 0.08 35.44
C MET C 44 4.75 -1.19 35.19
N VAL C 45 5.10 -1.91 34.13
CA VAL C 45 4.50 -3.21 33.87
C VAL C 45 5.46 -4.35 34.17
N ASN C 46 6.77 -4.11 34.16
CA ASN C 46 7.78 -5.15 34.34
C ASN C 46 8.43 -5.01 35.71
N PRO C 47 8.22 -5.96 36.64
CA PRO C 47 8.76 -5.80 37.99
C PRO C 47 10.28 -5.78 38.06
N LYS C 48 10.98 -6.16 36.99
CA LYS C 48 12.44 -6.05 37.00
C LYS C 48 12.90 -4.60 37.17
N TYR C 49 12.02 -3.62 36.92
CA TYR C 49 12.39 -2.22 37.11
C TYR C 49 12.18 -1.73 38.54
N ARG C 50 11.66 -2.58 39.45
CA ARG C 50 11.48 -2.17 40.83
C ARG C 50 12.74 -1.52 41.39
N GLU C 51 13.89 -2.14 41.15
CA GLU C 51 15.16 -1.63 41.65
C GLU C 51 15.59 -0.35 40.95
N HIS C 52 14.94 0.01 39.84
CA HIS C 52 15.25 1.16 39.00
C HIS C 52 14.35 2.36 39.27
N LEU C 53 13.33 2.20 40.12
CA LEU C 53 12.38 3.29 40.33
C LEU C 53 13.05 4.53 40.89
N GLY C 54 14.13 4.36 41.66
CA GLY C 54 14.84 5.51 42.19
C GLY C 54 15.51 6.36 41.12
N LEU C 55 15.70 5.80 39.92
CA LEU C 55 16.28 6.52 38.79
C LEU C 55 15.21 7.19 37.92
N CYS C 56 13.94 6.99 38.25
CA CYS C 56 12.84 7.55 37.48
C CYS C 56 12.44 8.90 38.07
N GLN C 57 12.45 9.94 37.24
CA GLN C 57 12.17 11.30 37.67
C GLN C 57 10.70 11.71 37.47
N ALA C 58 9.81 10.74 37.26
CA ALA C 58 8.39 11.07 37.17
C ALA C 58 7.85 11.51 38.53
N SER C 59 6.79 12.34 38.50
CA SER C 59 6.11 12.73 39.73
C SER C 59 5.22 11.63 40.30
N ALA C 60 4.81 10.68 39.47
CA ALA C 60 4.00 9.57 39.94
C ALA C 60 4.22 8.38 39.02
N VAL C 61 3.96 7.19 39.56
CA VAL C 61 4.14 5.95 38.81
C VAL C 61 2.95 5.04 39.08
N VAL C 62 2.32 4.56 38.01
CA VAL C 62 1.27 3.54 38.07
C VAL C 62 1.92 2.17 38.21
N MET C 63 1.45 1.39 39.18
CA MET C 63 2.04 0.09 39.48
C MET C 63 0.99 -0.78 40.19
N THR C 64 1.38 -2.02 40.48
CA THR C 64 0.49 -2.94 41.18
C THR C 64 0.72 -2.87 42.69
N GLN C 65 -0.12 -3.60 43.44
CA GLN C 65 0.05 -3.66 44.88
C GLN C 65 1.37 -4.34 45.26
N ASP C 66 1.78 -5.36 44.50
CA ASP C 66 3.05 -6.02 44.78
C ASP C 66 4.24 -5.10 44.55
N ASP C 67 4.10 -4.11 43.68
CA ASP C 67 5.19 -3.17 43.41
C ASP C 67 5.32 -2.10 44.47
N LEU C 68 4.22 -1.77 45.16
CA LEU C 68 4.16 -0.60 46.05
C LEU C 68 5.33 -0.51 47.03
N PRO C 69 5.77 -1.58 47.69
CA PRO C 69 6.90 -1.43 48.64
C PRO C 69 8.16 -0.92 47.96
N PHE C 70 8.24 -1.03 46.65
CA PHE C 70 9.43 -0.63 45.91
C PHE C 70 9.33 0.80 45.38
N ALA C 71 8.24 1.51 45.65
CA ALA C 71 8.06 2.83 45.09
C ALA C 71 9.07 3.80 45.68
N LYS C 72 9.52 4.74 44.85
CA LYS C 72 10.31 5.90 45.28
C LYS C 72 9.68 7.17 44.78
N SER C 73 8.34 7.23 44.84
CA SER C 73 7.57 8.36 44.36
C SER C 73 6.11 8.13 44.75
N ALA C 74 5.28 9.14 44.50
CA ALA C 74 3.84 8.93 44.49
C ALA C 74 3.50 7.76 43.58
N ALA C 75 2.61 6.90 44.06
CA ALA C 75 2.22 5.71 43.33
C ALA C 75 0.70 5.66 43.17
N LEU C 76 0.23 5.21 42.00
CA LEU C 76 -1.16 4.85 41.79
C LEU C 76 -1.21 3.32 41.65
N VAL C 77 -1.89 2.68 42.59
CA VAL C 77 -1.98 1.22 42.61
C VAL C 77 -3.23 0.80 41.86
N VAL C 78 -3.06 -0.05 40.85
CA VAL C 78 -4.16 -0.56 40.04
C VAL C 78 -3.93 -2.04 39.82
N LYS C 79 -4.97 -2.72 39.34
CA LYS C 79 -4.81 -4.12 39.00
C LYS C 79 -4.12 -4.31 37.65
N ASN C 80 -4.32 -3.37 36.71
CA ASN C 80 -3.83 -3.48 35.34
C ASN C 80 -3.12 -2.18 34.95
N PRO C 81 -1.82 -2.08 35.22
CA PRO C 81 -1.10 -0.83 34.88
C PRO C 81 -1.14 -0.50 33.39
N TYR C 82 -1.11 -1.50 32.51
CA TYR C 82 -1.11 -1.22 31.08
C TYR C 82 -2.43 -0.59 30.65
N LEU C 83 -3.55 -1.17 31.07
CA LEU C 83 -4.86 -0.59 30.75
C LEU C 83 -4.99 0.79 31.36
N THR C 84 -4.48 0.98 32.58
CA THR C 84 -4.53 2.30 33.21
C THR C 84 -3.68 3.31 32.45
N TYR C 85 -2.52 2.87 31.98
CA TYR C 85 -1.73 3.69 31.05
C TYR C 85 -2.59 4.17 29.90
N ALA C 86 -3.23 3.25 29.20
CA ALA C 86 -4.08 3.64 28.07
C ALA C 86 -5.08 4.70 28.48
N ARG C 87 -5.79 4.46 29.59
CA ARG C 87 -6.82 5.39 30.05
C ARG C 87 -6.21 6.75 30.40
N MET C 88 -5.08 6.76 31.10
CA MET C 88 -4.53 8.04 31.54
C MET C 88 -3.90 8.79 30.37
N ALA C 89 -3.37 8.08 29.38
CA ALA C 89 -2.89 8.74 28.16
C ALA C 89 -4.05 9.36 27.40
N GLN C 90 -5.22 8.72 27.42
CA GLN C 90 -6.40 9.34 26.81
C GLN C 90 -6.76 10.63 27.55
N ILE C 91 -6.76 10.58 28.88
CA ILE C 91 -7.10 11.76 29.68
C ILE C 91 -6.12 12.89 29.41
N LEU C 92 -4.83 12.57 29.27
CA LEU C 92 -3.78 13.56 29.09
C LEU C 92 -3.34 13.68 27.63
N ASP C 93 -4.19 13.26 26.69
CA ASP C 93 -3.79 13.18 25.29
C ASP C 93 -3.46 14.57 24.73
N THR C 94 -2.29 14.69 24.11
CA THR C 94 -1.88 15.91 23.42
C THR C 94 -2.20 15.89 21.94
N THR C 95 -2.77 14.81 21.42
CA THR C 95 -3.07 14.76 20.00
C THR C 95 -4.06 15.86 19.64
N PRO C 96 -3.79 16.67 18.63
CA PRO C 96 -4.74 17.71 18.24
C PRO C 96 -5.94 17.12 17.50
N GLN C 97 -6.92 17.96 17.28
CA GLN C 97 -8.05 17.51 16.47
C GLN C 97 -7.75 17.75 14.99
N PRO C 98 -8.35 16.98 14.09
CA PRO C 98 -8.10 17.20 12.65
C PRO C 98 -8.59 18.55 12.16
N ALA C 99 -9.54 19.18 12.85
CA ALA C 99 -10.08 20.46 12.44
C ALA C 99 -10.89 21.03 13.59
N GLN C 100 -11.13 22.35 13.53
CA GLN C 100 -11.96 23.04 14.50
C GLN C 100 -12.81 24.04 13.73
N ASN C 101 -14.13 24.04 14.00
CA ASN C 101 -15.05 24.90 13.27
C ASN C 101 -15.14 24.44 11.82
N ILE C 102 -15.81 25.22 10.98
CA ILE C 102 -15.97 24.89 9.57
C ILE C 102 -15.17 25.88 8.75
N ALA C 103 -14.20 25.35 7.97
CA ALA C 103 -13.27 26.20 7.25
C ALA C 103 -13.95 26.92 6.09
N PRO C 104 -13.69 28.22 5.88
CA PRO C 104 -14.26 28.91 4.72
C PRO C 104 -13.83 28.33 3.38
N SER C 105 -12.70 27.61 3.33
CA SER C 105 -12.26 26.97 2.09
C SER C 105 -12.87 25.59 1.88
N ALA C 106 -13.58 25.04 2.85
CA ALA C 106 -14.30 23.79 2.62
C ALA C 106 -15.44 24.02 1.64
N VAL C 107 -15.77 23.00 0.88
CA VAL C 107 -16.83 23.09 -0.12
C VAL C 107 -17.91 22.08 0.28
N ILE C 108 -19.04 22.58 0.74
CA ILE C 108 -20.07 21.77 1.39
C ILE C 108 -21.38 21.95 0.65
N ASP C 109 -21.89 20.86 0.08
CA ASP C 109 -23.15 20.91 -0.65
C ASP C 109 -24.26 21.44 0.24
N ALA C 110 -25.15 22.23 -0.38
CA ALA C 110 -26.27 22.80 0.37
C ALA C 110 -27.16 21.72 0.97
N THR C 111 -27.20 20.53 0.38
CA THR C 111 -28.07 19.48 0.90
C THR C 111 -27.41 18.63 1.97
N ALA C 112 -26.14 18.84 2.26
CA ALA C 112 -25.51 18.12 3.35
C ALA C 112 -26.18 18.50 4.67
N LYS C 113 -26.29 17.53 5.58
CA LYS C 113 -26.94 17.75 6.87
C LYS C 113 -25.86 17.66 7.95
N LEU C 114 -25.55 18.79 8.57
CA LEU C 114 -24.52 18.88 9.61
C LEU C 114 -25.16 18.86 10.99
N GLY C 115 -24.68 17.99 11.87
CA GLY C 115 -25.11 17.99 13.25
C GLY C 115 -24.47 19.11 14.05
N ASN C 116 -24.64 19.04 15.37
CA ASN C 116 -24.08 20.04 16.26
C ASN C 116 -22.59 19.80 16.46
N ASN C 117 -21.84 20.91 16.52
CA ASN C 117 -20.43 20.86 16.89
C ASN C 117 -19.60 20.07 15.87
N VAL C 118 -20.00 20.11 14.60
CA VAL C 118 -19.21 19.50 13.53
C VAL C 118 -18.08 20.44 13.15
N SER C 119 -16.90 19.87 12.93
CA SER C 119 -15.75 20.63 12.42
C SER C 119 -15.31 20.04 11.10
N ILE C 120 -15.03 20.90 10.12
CA ILE C 120 -14.60 20.49 8.78
C ILE C 120 -13.39 21.32 8.40
N GLY C 121 -12.29 20.64 8.04
CA GLY C 121 -11.03 21.30 7.79
C GLY C 121 -10.94 21.96 6.43
N ALA C 122 -9.90 22.77 6.29
CA ALA C 122 -9.66 23.52 5.06
C ALA C 122 -9.67 22.61 3.84
N ASN C 123 -10.36 23.06 2.80
CA ASN C 123 -10.39 22.44 1.48
C ASN C 123 -11.01 21.04 1.46
N ALA C 124 -11.64 20.62 2.54
CA ALA C 124 -12.46 19.42 2.47
C ALA C 124 -13.64 19.65 1.52
N VAL C 125 -14.18 18.55 1.00
CA VAL C 125 -15.25 18.58 0.00
C VAL C 125 -16.32 17.60 0.47
N ILE C 126 -17.54 18.10 0.69
CA ILE C 126 -18.66 17.33 1.21
C ILE C 126 -19.76 17.32 0.15
N GLU C 127 -20.14 16.13 -0.31
CA GLU C 127 -21.07 16.01 -1.42
C GLU C 127 -22.52 16.18 -0.95
N SER C 128 -23.42 16.21 -1.94
CA SER C 128 -24.84 16.28 -1.68
C SER C 128 -25.31 15.11 -0.84
N GLY C 129 -26.30 15.37 0.02
CA GLY C 129 -26.95 14.33 0.79
C GLY C 129 -26.12 13.72 1.90
N VAL C 130 -24.88 14.18 2.11
CA VAL C 130 -24.06 13.66 3.20
C VAL C 130 -24.68 14.05 4.54
N GLU C 131 -24.60 13.14 5.52
CA GLU C 131 -25.05 13.41 6.86
C GLU C 131 -23.88 13.23 7.81
N LEU C 132 -23.56 14.28 8.57
CA LEU C 132 -22.48 14.22 9.55
C LEU C 132 -23.11 14.40 10.92
N GLY C 133 -22.95 13.41 11.77
CA GLY C 133 -23.53 13.44 13.10
C GLY C 133 -22.83 14.43 14.01
N ASP C 134 -23.39 14.58 15.21
CA ASP C 134 -22.84 15.50 16.21
C ASP C 134 -21.39 15.20 16.50
N ASN C 135 -20.59 16.26 16.61
CA ASN C 135 -19.19 16.16 17.04
C ASN C 135 -18.32 15.45 16.01
N VAL C 136 -18.82 15.22 14.80
CA VAL C 136 -17.97 14.66 13.75
C VAL C 136 -16.92 15.69 13.36
N ILE C 137 -15.71 15.22 13.05
CA ILE C 137 -14.62 16.08 12.63
C ILE C 137 -14.06 15.54 11.32
N ILE C 138 -14.05 16.37 10.28
CA ILE C 138 -13.51 16.01 8.97
C ILE C 138 -12.22 16.79 8.76
N GLY C 139 -11.11 16.08 8.53
CA GLY C 139 -9.83 16.74 8.36
C GLY C 139 -9.73 17.53 7.07
N ALA C 140 -8.64 18.29 6.96
CA ALA C 140 -8.39 19.06 5.74
C ALA C 140 -8.30 18.13 4.54
N GLY C 141 -8.77 18.61 3.39
CA GLY C 141 -8.57 17.90 2.14
C GLY C 141 -9.36 16.61 1.98
N CYS C 142 -10.24 16.27 2.93
CA CYS C 142 -11.04 15.06 2.78
C CYS C 142 -12.07 15.21 1.66
N PHE C 143 -12.55 14.06 1.16
CA PHE C 143 -13.70 13.99 0.26
C PHE C 143 -14.70 13.03 0.86
N VAL C 144 -15.98 13.44 0.93
CA VAL C 144 -17.05 12.58 1.42
C VAL C 144 -18.14 12.57 0.35
N GLY C 145 -18.33 11.41 -0.29
CA GLY C 145 -19.18 11.32 -1.48
C GLY C 145 -20.67 11.27 -1.19
N LYS C 146 -21.45 11.24 -2.27
CA LYS C 146 -22.88 11.53 -2.18
C LYS C 146 -23.58 10.58 -1.22
N ASN C 147 -24.44 11.15 -0.35
CA ASN C 147 -25.34 10.43 0.52
C ASN C 147 -24.63 9.59 1.58
N SER C 148 -23.33 9.75 1.75
CA SER C 148 -22.68 8.96 2.79
C SER C 148 -23.02 9.55 4.14
N LYS C 149 -22.94 8.71 5.18
CA LYS C 149 -23.38 9.07 6.52
C LYS C 149 -22.29 8.72 7.52
N ILE C 150 -21.93 9.68 8.36
CA ILE C 150 -20.86 9.52 9.34
C ILE C 150 -21.46 9.81 10.70
N GLY C 151 -21.38 8.82 11.60
CA GLY C 151 -22.05 8.91 12.87
C GLY C 151 -21.33 9.77 13.89
N ALA C 152 -22.08 10.16 14.91
CA ALA C 152 -21.61 11.08 15.94
C ALA C 152 -20.24 10.69 16.48
N GLY C 153 -19.37 11.69 16.65
CA GLY C 153 -18.09 11.50 17.27
C GLY C 153 -17.02 10.90 16.38
N SER C 154 -17.36 10.51 15.15
CA SER C 154 -16.37 9.92 14.27
C SER C 154 -15.46 11.00 13.71
N ARG C 155 -14.21 10.62 13.43
CA ARG C 155 -13.21 11.59 13.02
C ARG C 155 -12.37 11.04 11.88
N LEU C 156 -12.10 11.91 10.90
CA LEU C 156 -11.26 11.61 9.76
C LEU C 156 -10.08 12.54 9.79
N TRP C 157 -8.86 12.00 9.73
CA TRP C 157 -7.70 12.86 9.58
C TRP C 157 -7.68 13.46 8.17
N ALA C 158 -6.62 14.17 7.83
CA ALA C 158 -6.57 14.86 6.55
C ALA C 158 -6.52 13.87 5.40
N ASN C 159 -7.03 14.29 4.24
CA ASN C 159 -6.80 13.59 2.99
C ASN C 159 -7.32 12.14 3.05
N VAL C 160 -8.49 11.96 3.67
CA VAL C 160 -9.23 10.69 3.66
C VAL C 160 -10.29 10.79 2.57
N THR C 161 -10.50 9.70 1.81
CA THR C 161 -11.53 9.66 0.77
C THR C 161 -12.64 8.68 1.17
N ILE C 162 -13.86 9.19 1.26
CA ILE C 162 -15.05 8.37 1.45
C ILE C 162 -15.86 8.50 0.16
N TYR C 163 -16.19 7.37 -0.46
CA TYR C 163 -17.01 7.43 -1.66
C TYR C 163 -18.49 7.62 -1.29
N HIS C 164 -19.39 7.33 -2.23
CA HIS C 164 -20.83 7.54 -2.08
C HIS C 164 -21.49 6.36 -1.37
N GLU C 165 -22.63 6.66 -0.73
CA GLU C 165 -23.49 5.65 -0.10
C GLU C 165 -22.75 4.83 0.96
N ILE C 166 -21.73 5.41 1.59
CA ILE C 166 -21.01 4.74 2.68
C ILE C 166 -21.69 5.07 4.00
N GLN C 167 -21.67 4.12 4.92
CA GLN C 167 -22.23 4.28 6.25
C GLN C 167 -21.10 4.03 7.25
N ILE C 168 -20.83 5.02 8.09
CA ILE C 168 -19.83 4.92 9.14
C ILE C 168 -20.52 5.22 10.46
N GLY C 169 -20.28 4.38 11.45
CA GLY C 169 -20.92 4.53 12.74
C GLY C 169 -20.29 5.59 13.60
N GLN C 170 -20.50 5.46 14.90
CA GLN C 170 -20.11 6.45 15.90
C GLN C 170 -18.70 6.19 16.42
N ASN C 171 -17.98 7.27 16.72
CA ASN C 171 -16.71 7.21 17.45
C ASN C 171 -15.65 6.42 16.69
N CYS C 172 -15.69 6.46 15.38
CA CYS C 172 -14.64 5.86 14.56
C CYS C 172 -13.48 6.84 14.40
N LEU C 173 -12.35 6.32 13.94
CA LEU C 173 -11.19 7.16 13.66
C LEU C 173 -10.52 6.62 12.40
N ILE C 174 -10.37 7.46 11.39
CA ILE C 174 -9.76 7.03 10.14
C ILE C 174 -8.54 7.90 9.86
N GLN C 175 -7.38 7.25 9.71
CA GLN C 175 -6.13 7.94 9.43
C GLN C 175 -6.04 8.32 7.96
N SER C 176 -5.14 9.26 7.67
CA SER C 176 -5.00 9.89 6.37
C SER C 176 -4.65 8.88 5.26
N GLY C 177 -5.04 9.24 4.03
CA GLY C 177 -4.76 8.42 2.86
C GLY C 177 -5.69 7.23 2.66
N THR C 178 -6.54 6.93 3.63
CA THR C 178 -7.42 5.79 3.52
C THR C 178 -8.54 6.08 2.53
N VAL C 179 -8.96 5.05 1.82
CA VAL C 179 -10.02 5.16 0.81
C VAL C 179 -11.09 4.13 1.17
N VAL C 180 -12.30 4.61 1.46
CA VAL C 180 -13.42 3.75 1.80
C VAL C 180 -14.46 3.84 0.68
N GLY C 181 -14.72 2.71 0.03
CA GLY C 181 -15.82 2.65 -0.91
C GLY C 181 -15.45 2.71 -2.38
N ALA C 182 -14.18 2.56 -2.72
CA ALA C 182 -13.81 2.47 -4.14
C ALA C 182 -14.47 1.24 -4.75
N ASP C 183 -14.56 1.22 -6.08
CA ASP C 183 -15.04 0.03 -6.78
C ASP C 183 -14.25 -1.20 -6.35
N GLY C 184 -14.97 -2.27 -6.00
CA GLY C 184 -14.34 -3.58 -6.01
C GLY C 184 -13.78 -3.93 -7.37
N PHE C 185 -12.92 -4.96 -7.36
CA PHE C 185 -12.21 -5.39 -8.58
C PHE C 185 -13.10 -6.35 -9.38
N GLY C 186 -14.18 -5.81 -9.90
CA GLY C 186 -15.20 -6.64 -10.52
C GLY C 186 -15.21 -6.52 -12.03
N TYR C 187 -14.87 -7.60 -12.71
CA TYR C 187 -14.82 -7.61 -14.17
C TYR C 187 -15.28 -8.97 -14.66
N ALA C 188 -16.03 -8.97 -15.76
CA ALA C 188 -16.31 -10.17 -16.53
C ALA C 188 -15.38 -10.19 -17.75
N ASN C 189 -15.06 -11.40 -18.20
CA ASN C 189 -14.18 -11.56 -19.36
C ASN C 189 -15.00 -11.88 -20.60
N ASP C 190 -14.71 -11.16 -21.69
CA ASP C 190 -15.40 -11.33 -22.97
C ASP C 190 -14.33 -11.48 -24.04
N ARG C 191 -14.00 -12.72 -24.39
CA ARG C 191 -13.05 -12.98 -25.46
C ARG C 191 -11.72 -12.30 -25.19
N GLY C 192 -11.27 -12.36 -23.94
CA GLY C 192 -10.03 -11.76 -23.53
C GLY C 192 -10.11 -10.31 -23.07
N ASN C 193 -11.20 -9.61 -23.39
CA ASN C 193 -11.40 -8.23 -22.96
C ASN C 193 -12.13 -8.19 -21.62
N TRP C 194 -11.74 -7.26 -20.77
CA TRP C 194 -12.38 -7.11 -19.47
C TRP C 194 -13.57 -6.17 -19.60
N VAL C 195 -14.69 -6.57 -19.00
CA VAL C 195 -15.93 -5.79 -19.00
C VAL C 195 -16.23 -5.42 -17.56
N LYS C 196 -16.29 -4.12 -17.28
CA LYS C 196 -16.45 -3.67 -15.91
C LYS C 196 -17.82 -4.06 -15.37
N ILE C 197 -17.83 -4.59 -14.15
CA ILE C 197 -19.06 -4.83 -13.40
C ILE C 197 -19.21 -3.66 -12.41
N PRO C 198 -20.18 -2.79 -12.61
CA PRO C 198 -20.37 -1.69 -11.65
C PRO C 198 -20.57 -2.25 -10.25
N GLN C 199 -19.98 -1.59 -9.28
CA GLN C 199 -19.99 -2.03 -7.89
C GLN C 199 -21.01 -1.16 -7.18
N ILE C 200 -22.23 -1.67 -7.04
CA ILE C 200 -23.34 -0.86 -6.54
C ILE C 200 -23.73 -1.22 -5.13
N GLY C 201 -23.04 -2.16 -4.50
CA GLY C 201 -23.11 -2.31 -3.08
C GLY C 201 -22.40 -1.17 -2.38
N ARG C 202 -22.28 -1.29 -1.05
CA ARG C 202 -21.74 -0.20 -0.26
C ARG C 202 -20.63 -0.70 0.66
N VAL C 203 -20.18 0.17 1.57
CA VAL C 203 -19.42 -0.24 2.74
C VAL C 203 -20.23 0.19 3.96
N ILE C 204 -20.40 -0.73 4.90
CA ILE C 204 -21.00 -0.44 6.20
C ILE C 204 -19.91 -0.60 7.24
N ILE C 205 -19.57 0.48 7.93
CA ILE C 205 -18.57 0.44 8.99
C ILE C 205 -19.31 0.68 10.31
N GLY C 206 -19.06 -0.17 11.28
CA GLY C 206 -19.74 -0.11 12.57
C GLY C 206 -19.23 1.02 13.46
N ASP C 207 -19.53 0.88 14.76
CA ASP C 207 -19.10 1.85 15.75
C ASP C 207 -17.70 1.51 16.29
N ARG C 208 -16.98 2.56 16.68
CA ARG C 208 -15.67 2.41 17.32
C ARG C 208 -14.70 1.64 16.45
N VAL C 209 -14.73 1.90 15.16
CA VAL C 209 -13.78 1.28 14.24
C VAL C 209 -12.63 2.25 14.01
N GLU C 210 -11.41 1.72 14.04
CA GLU C 210 -10.21 2.51 13.77
C GLU C 210 -9.47 1.92 12.58
N ILE C 211 -9.16 2.76 11.62
CA ILE C 211 -8.56 2.36 10.35
C ILE C 211 -7.30 3.17 10.15
N GLY C 212 -6.18 2.48 9.86
CA GLY C 212 -4.90 3.12 9.69
C GLY C 212 -4.78 3.83 8.34
N ALA C 213 -3.56 4.28 8.05
CA ALA C 213 -3.31 5.13 6.89
C ALA C 213 -3.16 4.31 5.60
N CYS C 214 -3.69 4.87 4.50
CA CYS C 214 -3.58 4.26 3.17
C CYS C 214 -4.14 2.86 3.12
N THR C 215 -5.13 2.57 3.96
CA THR C 215 -5.89 1.35 3.83
C THR C 215 -7.02 1.58 2.85
N THR C 216 -7.38 0.54 2.10
CA THR C 216 -8.49 0.62 1.15
C THR C 216 -9.55 -0.41 1.51
N ILE C 217 -10.78 0.04 1.61
CA ILE C 217 -11.93 -0.81 1.89
C ILE C 217 -12.91 -0.61 0.75
N ASP C 218 -13.01 -1.60 -0.13
CA ASP C 218 -13.82 -1.45 -1.34
C ASP C 218 -15.29 -1.73 -1.06
N ARG C 219 -16.16 -1.03 -1.79
CA ARG C 219 -17.61 -1.23 -1.75
C ARG C 219 -17.98 -2.57 -2.37
N GLY C 220 -19.14 -3.09 -1.98
CA GLY C 220 -19.58 -4.37 -2.50
C GLY C 220 -20.09 -4.29 -3.94
N ALA C 221 -20.18 -5.47 -4.58
CA ALA C 221 -20.64 -5.51 -5.95
C ALA C 221 -22.16 -5.31 -6.05
N LEU C 222 -22.90 -5.92 -5.14
CA LEU C 222 -24.37 -5.86 -5.08
C LEU C 222 -24.78 -5.72 -3.63
N ASP C 223 -24.43 -6.70 -2.82
CA ASP C 223 -24.54 -6.60 -1.37
C ASP C 223 -23.30 -5.87 -0.86
N ASP C 224 -23.12 -5.77 0.46
CA ASP C 224 -22.20 -4.79 1.02
C ASP C 224 -20.92 -5.40 1.57
N THR C 225 -19.87 -4.57 1.58
CA THR C 225 -18.70 -4.80 2.41
C THR C 225 -19.01 -4.31 3.82
N ILE C 226 -18.71 -5.13 4.83
CA ILE C 226 -19.17 -4.85 6.20
C ILE C 226 -18.01 -4.96 7.17
N ILE C 227 -17.82 -3.91 7.96
CA ILE C 227 -16.80 -3.91 9.02
C ILE C 227 -17.55 -3.83 10.35
N GLY C 228 -17.36 -4.85 11.19
CA GLY C 228 -18.04 -4.91 12.48
C GLY C 228 -17.59 -3.84 13.46
N ASN C 229 -18.29 -3.78 14.60
CA ASN C 229 -17.99 -2.81 15.64
C ASN C 229 -16.66 -3.13 16.30
N GLY C 230 -15.95 -2.07 16.71
CA GLY C 230 -14.76 -2.27 17.52
C GLY C 230 -13.60 -2.88 16.76
N VAL C 231 -13.71 -3.00 15.44
CA VAL C 231 -12.62 -3.53 14.63
C VAL C 231 -11.50 -2.52 14.57
N ILE C 232 -10.26 -3.01 14.58
CA ILE C 232 -9.09 -2.17 14.35
C ILE C 232 -8.33 -2.72 13.15
N ILE C 233 -8.00 -1.82 12.21
CA ILE C 233 -7.29 -2.14 10.98
C ILE C 233 -6.10 -1.20 10.86
N ASP C 234 -4.92 -1.77 10.62
CA ASP C 234 -3.64 -1.07 10.56
C ASP C 234 -3.47 -0.45 9.16
N ASN C 235 -2.29 0.07 8.85
CA ASN C 235 -2.01 0.73 7.58
C ASN C 235 -1.98 -0.22 6.38
N GLN C 236 -2.31 0.33 5.22
CA GLN C 236 -2.07 -0.30 3.91
C GLN C 236 -2.65 -1.71 3.81
N CYS C 237 -3.80 -1.92 4.41
CA CYS C 237 -4.55 -3.14 4.15
C CYS C 237 -5.44 -2.94 2.93
N GLN C 238 -5.73 -4.04 2.25
CA GLN C 238 -6.71 -4.06 1.17
C GLN C 238 -7.84 -4.97 1.63
N ILE C 239 -9.02 -4.41 1.81
CA ILE C 239 -10.21 -5.16 2.18
C ILE C 239 -11.13 -5.12 0.97
N ALA C 240 -11.21 -6.24 0.26
CA ALA C 240 -11.84 -6.29 -1.06
C ALA C 240 -13.35 -6.21 -0.94
N HIS C 241 -14.03 -6.10 -2.10
CA HIS C 241 -15.49 -6.03 -2.09
C HIS C 241 -16.09 -7.24 -1.39
N ASN C 242 -17.14 -6.98 -0.60
CA ASN C 242 -17.96 -8.01 0.03
C ASN C 242 -17.23 -8.82 1.09
N VAL C 243 -16.07 -8.34 1.56
CA VAL C 243 -15.51 -8.87 2.79
C VAL C 243 -16.41 -8.47 3.96
N VAL C 244 -16.55 -9.37 4.92
CA VAL C 244 -17.25 -9.12 6.18
C VAL C 244 -16.28 -9.43 7.30
N ILE C 245 -16.05 -8.46 8.17
CA ILE C 245 -15.16 -8.65 9.31
C ILE C 245 -15.99 -8.56 10.58
N GLY C 246 -15.93 -9.60 11.40
CA GLY C 246 -16.73 -9.62 12.61
C GLY C 246 -16.17 -8.69 13.69
N ASP C 247 -17.05 -8.35 14.64
CA ASP C 247 -16.75 -7.39 15.69
C ASP C 247 -15.45 -7.72 16.39
N ASN C 248 -14.70 -6.67 16.74
CA ASN C 248 -13.54 -6.72 17.61
C ASN C 248 -12.34 -7.42 16.99
N THR C 249 -12.43 -7.79 15.71
CA THR C 249 -11.27 -8.37 15.03
C THR C 249 -10.20 -7.29 14.80
N ALA C 250 -8.93 -7.71 14.88
CA ALA C 250 -7.80 -6.84 14.58
C ALA C 250 -7.10 -7.33 13.33
N VAL C 251 -6.75 -6.41 12.43
CA VAL C 251 -6.03 -6.71 11.19
C VAL C 251 -4.79 -5.82 11.19
N ALA C 252 -3.62 -6.44 11.30
CA ALA C 252 -2.37 -5.68 11.33
C ALA C 252 -1.98 -5.25 9.91
N GLY C 253 -0.86 -4.54 9.81
CA GLY C 253 -0.58 -3.78 8.60
C GLY C 253 -0.27 -4.64 7.39
N GLY C 254 -0.69 -4.16 6.22
CA GLY C 254 -0.29 -4.77 4.97
C GLY C 254 -1.00 -6.04 4.61
N VAL C 255 -2.14 -6.33 5.22
CA VAL C 255 -2.91 -7.53 4.92
C VAL C 255 -3.71 -7.30 3.64
N ILE C 256 -3.68 -8.26 2.73
CA ILE C 256 -4.41 -8.21 1.47
C ILE C 256 -5.47 -9.31 1.53
N MET C 257 -6.74 -8.93 1.43
CA MET C 257 -7.86 -9.86 1.44
C MET C 257 -8.53 -9.87 0.08
N ALA C 258 -8.83 -11.06 -0.43
CA ALA C 258 -9.64 -11.19 -1.63
C ALA C 258 -11.11 -11.00 -1.28
N GLY C 259 -11.95 -10.95 -2.32
CA GLY C 259 -13.34 -10.60 -2.12
C GLY C 259 -14.16 -11.73 -1.55
N SER C 260 -15.23 -11.36 -0.85
CA SER C 260 -16.21 -12.28 -0.30
C SER C 260 -15.63 -13.19 0.77
N LEU C 261 -14.52 -12.78 1.38
CA LEU C 261 -14.02 -13.41 2.59
C LEU C 261 -14.89 -13.01 3.78
N LYS C 262 -15.23 -13.96 4.63
CA LYS C 262 -15.89 -13.65 5.89
C LYS C 262 -14.95 -14.00 7.03
N ILE C 263 -14.68 -13.03 7.91
CA ILE C 263 -13.86 -13.23 9.09
C ILE C 263 -14.74 -13.08 10.32
N GLY C 264 -14.61 -13.99 11.27
CA GLY C 264 -15.45 -13.98 12.44
C GLY C 264 -15.03 -12.90 13.43
N ARG C 265 -15.65 -12.98 14.61
CA ARG C 265 -15.37 -12.05 15.69
C ARG C 265 -14.07 -12.43 16.40
N TYR C 266 -13.41 -11.43 16.97
CA TYR C 266 -12.25 -11.63 17.85
C TYR C 266 -11.13 -12.38 17.15
N CYS C 267 -10.97 -12.18 15.85
CA CYS C 267 -9.80 -12.71 15.17
C CYS C 267 -8.64 -11.70 15.27
N MET C 268 -7.44 -12.21 15.01
CA MET C 268 -6.22 -11.39 14.98
C MET C 268 -5.45 -11.81 13.74
N ILE C 269 -5.35 -10.91 12.76
CA ILE C 269 -4.72 -11.22 11.48
C ILE C 269 -3.37 -10.51 11.45
N GLY C 270 -2.29 -11.29 11.44
CA GLY C 270 -0.95 -10.72 11.52
C GLY C 270 -0.56 -9.95 10.27
N GLY C 271 0.42 -9.06 10.44
CA GLY C 271 0.80 -8.19 9.35
C GLY C 271 1.26 -8.97 8.14
N ALA C 272 0.97 -8.42 6.95
CA ALA C 272 1.44 -8.91 5.66
C ALA C 272 0.85 -10.27 5.30
N SER C 273 -0.16 -10.73 6.03
CA SER C 273 -0.86 -11.93 5.61
C SER C 273 -1.62 -11.68 4.31
N VAL C 274 -1.93 -12.77 3.62
CA VAL C 274 -2.64 -12.78 2.35
C VAL C 274 -3.77 -13.78 2.51
N ILE C 275 -5.01 -13.34 2.24
CA ILE C 275 -6.16 -14.20 2.52
C ILE C 275 -6.99 -14.38 1.24
N ASN C 276 -7.24 -15.64 0.89
CA ASN C 276 -8.08 -15.99 -0.23
C ASN C 276 -9.54 -15.57 0.05
N GLY C 277 -10.35 -15.54 -1.01
CA GLY C 277 -11.72 -15.08 -0.92
C GLY C 277 -12.74 -16.21 -1.01
N HIS C 278 -14.01 -15.81 -1.06
CA HIS C 278 -15.14 -16.74 -1.17
C HIS C 278 -15.00 -17.90 -0.18
N MET C 279 -14.67 -17.55 1.07
CA MET C 279 -14.48 -18.54 2.11
C MET C 279 -14.61 -17.85 3.46
N GLU C 280 -14.55 -18.64 4.52
CA GLU C 280 -14.82 -18.15 5.86
C GLU C 280 -13.69 -18.52 6.81
N ILE C 281 -13.43 -17.59 7.73
CA ILE C 281 -12.57 -17.81 8.89
C ILE C 281 -13.46 -17.66 10.11
N CYS C 282 -13.50 -18.67 10.97
CA CYS C 282 -14.41 -18.64 12.12
C CYS C 282 -13.91 -17.64 13.18
N ASP C 283 -14.70 -17.47 14.24
CA ASP C 283 -14.31 -16.62 15.36
C ASP C 283 -13.01 -17.11 15.99
N LYS C 284 -12.29 -16.17 16.61
CA LYS C 284 -11.20 -16.47 17.54
C LYS C 284 -10.08 -17.24 16.84
N VAL C 285 -9.79 -16.83 15.62
CA VAL C 285 -8.66 -17.35 14.85
C VAL C 285 -7.55 -16.32 14.89
N THR C 286 -6.32 -16.79 15.10
CA THR C 286 -5.12 -15.97 14.96
C THR C 286 -4.30 -16.50 13.80
N VAL C 287 -3.93 -15.61 12.87
CA VAL C 287 -3.01 -15.89 11.78
C VAL C 287 -1.74 -15.09 12.05
N THR C 288 -0.60 -15.77 12.17
CA THR C 288 0.64 -15.04 12.44
C THR C 288 1.12 -14.34 11.16
N GLY C 289 2.03 -13.40 11.34
CA GLY C 289 2.50 -12.55 10.25
C GLY C 289 2.86 -13.28 8.96
N MET C 290 2.47 -12.71 7.82
CA MET C 290 2.78 -13.23 6.50
C MET C 290 2.07 -14.55 6.22
N GLY C 291 1.01 -14.83 6.97
CA GLY C 291 0.23 -16.03 6.74
C GLY C 291 -0.29 -16.11 5.32
N MET C 292 -0.13 -17.28 4.71
CA MET C 292 -0.67 -17.58 3.40
C MET C 292 -1.95 -18.39 3.61
N VAL C 293 -3.08 -17.70 3.68
CA VAL C 293 -4.36 -18.32 4.04
C VAL C 293 -5.07 -18.62 2.72
N MET C 294 -4.90 -19.85 2.25
CA MET C 294 -5.51 -20.29 0.99
C MET C 294 -6.89 -20.93 1.19
N ARG C 295 -7.13 -21.53 2.34
CA ARG C 295 -8.29 -22.36 2.61
C ARG C 295 -9.06 -21.83 3.81
N PRO C 296 -10.33 -22.21 3.94
CA PRO C 296 -11.14 -21.74 5.08
C PRO C 296 -10.59 -22.28 6.39
N ILE C 297 -10.87 -21.54 7.46
CA ILE C 297 -10.43 -21.92 8.80
C ILE C 297 -11.69 -22.15 9.62
N THR C 298 -11.89 -23.40 10.07
CA THR C 298 -13.13 -23.80 10.72
C THR C 298 -12.99 -23.99 12.21
N GLU C 299 -11.78 -23.96 12.75
CA GLU C 299 -11.59 -24.16 14.16
C GLU C 299 -10.77 -23.01 14.74
N PRO C 300 -11.14 -22.50 15.91
CA PRO C 300 -10.35 -21.41 16.52
C PRO C 300 -8.94 -21.90 16.82
N GLY C 301 -8.04 -20.94 17.02
CA GLY C 301 -6.67 -21.25 17.36
C GLY C 301 -5.70 -20.45 16.51
N VAL C 302 -4.43 -20.84 16.56
CA VAL C 302 -3.33 -20.09 15.95
C VAL C 302 -2.82 -20.87 14.75
N TYR C 303 -2.65 -20.17 13.62
CA TYR C 303 -2.22 -20.77 12.37
C TYR C 303 -1.06 -19.95 11.80
N SER C 304 -0.16 -20.62 11.07
CA SER C 304 1.07 -19.98 10.62
C SER C 304 1.53 -20.59 9.31
N SER C 305 2.33 -19.83 8.57
CA SER C 305 3.00 -20.34 7.39
C SER C 305 4.31 -19.60 7.20
N GLY C 306 5.14 -20.13 6.31
CA GLY C 306 6.33 -19.45 5.81
C GLY C 306 7.61 -20.09 6.32
N ILE C 307 8.64 -20.08 5.47
CA ILE C 307 9.99 -20.49 5.85
C ILE C 307 10.80 -19.23 6.07
N PRO C 308 11.31 -18.98 7.26
CA PRO C 308 11.99 -17.72 7.54
C PRO C 308 13.42 -17.67 6.99
N LEU C 309 14.05 -16.54 7.26
CA LEU C 309 15.31 -16.13 6.66
C LEU C 309 16.44 -17.09 6.99
N GLN C 310 17.35 -17.25 6.03
CA GLN C 310 18.61 -17.94 6.24
C GLN C 310 19.70 -17.16 5.52
N PRO C 311 20.98 -17.38 5.89
CA PRO C 311 22.07 -16.84 5.08
C PRO C 311 21.85 -17.23 3.63
N ASN C 312 22.15 -16.31 2.71
CA ASN C 312 21.84 -16.57 1.29
C ASN C 312 22.46 -17.89 0.82
N LYS C 313 23.72 -18.15 1.20
CA LYS C 313 24.35 -19.42 0.81
C LYS C 313 23.51 -20.60 1.25
N VAL C 314 23.02 -20.56 2.49
CA VAL C 314 22.15 -21.63 2.99
C VAL C 314 20.84 -21.65 2.21
N TRP C 315 20.20 -20.48 2.06
CA TRP C 315 18.90 -20.42 1.41
C TRP C 315 18.94 -21.03 0.01
N ARG C 316 19.99 -20.75 -0.76
CA ARG C 316 20.08 -21.33 -2.10
C ARG C 316 19.90 -22.85 -2.06
N LYS C 317 20.54 -23.53 -1.11
CA LYS C 317 20.38 -24.98 -1.02
C LYS C 317 18.98 -25.34 -0.54
N THR C 318 18.49 -24.64 0.50
CA THR C 318 17.14 -24.92 0.99
C THR C 318 16.12 -24.82 -0.14
N ALA C 319 16.14 -23.71 -0.86
CA ALA C 319 15.17 -23.52 -1.94
C ALA C 319 15.30 -24.62 -3.01
N ALA C 320 16.53 -24.93 -3.43
CA ALA C 320 16.70 -25.95 -4.46
C ALA C 320 16.22 -27.31 -3.98
N LEU C 321 16.56 -27.69 -2.74
CA LEU C 321 16.14 -28.99 -2.24
C LEU C 321 14.63 -29.06 -2.09
N VAL C 322 13.99 -27.97 -1.68
CA VAL C 322 12.54 -28.00 -1.54
C VAL C 322 11.89 -28.14 -2.91
N MET C 323 12.36 -27.37 -3.88
CA MET C 323 11.77 -27.44 -5.21
C MET C 323 11.91 -28.84 -5.81
N ASN C 324 12.93 -29.60 -5.39
CA ASN C 324 13.16 -30.95 -5.86
CA ASN C 324 13.14 -30.95 -5.87
C ASN C 324 12.75 -31.99 -4.82
N ILE C 325 11.83 -31.64 -3.92
CA ILE C 325 11.50 -32.54 -2.81
C ILE C 325 10.81 -33.80 -3.30
N ASP C 326 10.07 -33.74 -4.40
CA ASP C 326 9.49 -34.97 -4.94
C ASP C 326 10.58 -36.02 -5.22
N ASP C 327 11.73 -35.58 -5.73
CA ASP C 327 12.81 -36.54 -5.99
C ASP C 327 13.33 -37.12 -4.69
N MET C 328 13.51 -36.29 -3.67
CA MET C 328 13.87 -36.78 -2.35
C MET C 328 12.83 -37.79 -1.86
N SER C 329 11.54 -37.47 -2.02
CA SER C 329 10.48 -38.39 -1.60
C SER C 329 10.61 -39.74 -2.30
N LYS C 330 10.83 -39.74 -3.62
CA LYS C 330 10.93 -41.00 -4.34
C LYS C 330 12.14 -41.81 -3.89
N ARG C 331 13.27 -41.14 -3.70
CA ARG C 331 14.46 -41.83 -3.22
C ARG C 331 14.22 -42.46 -1.86
N LEU C 332 13.54 -41.74 -0.97
CA LEU C 332 13.21 -42.32 0.33
C LEU C 332 12.34 -43.56 0.18
N LYS C 333 11.30 -43.49 -0.66
CA LYS C 333 10.45 -44.67 -0.85
C LYS C 333 11.24 -45.84 -1.43
N SER C 334 12.10 -45.55 -2.41
CA SER C 334 12.90 -46.61 -3.02
C SER C 334 13.85 -47.23 -2.00
N LEU C 335 14.40 -46.41 -1.11
CA LEU C 335 15.28 -46.95 -0.08
C LEU C 335 14.49 -47.76 0.96
N GLU C 336 13.25 -47.37 1.24
CA GLU C 336 12.42 -48.17 2.13
C GLU C 336 12.15 -49.55 1.53
N ARG C 337 11.85 -49.61 0.23
CA ARG C 337 11.61 -50.90 -0.40
C ARG C 337 12.88 -51.75 -0.42
N LYS C 338 14.03 -51.13 -0.70
CA LYS C 338 15.28 -51.86 -0.76
C LYS C 338 15.64 -52.47 0.59
N VAL C 339 15.40 -51.73 1.68
CA VAL C 339 15.75 -52.21 3.01
C VAL C 339 14.76 -53.26 3.50
N ASN C 340 13.46 -53.04 3.25
CA ASN C 340 12.43 -54.00 3.67
C ASN C 340 12.21 -55.08 2.60
MG MG D . 2.46 -6.48 0.50
MG MG E . -9.68 25.70 -2.10
C1 O4V F . -5.92 -15.76 -5.93
C2 O4V F . -7.05 -14.86 -5.76
C12 O4V F . -7.05 -11.55 -5.43
C13 O4V F . -5.40 -16.29 -3.04
C14 O4V F . -3.75 -17.90 -3.68
C15 O4V F . -3.18 -17.83 -2.41
C16 O4V F . -4.85 -16.21 -1.77
C17 O4V F . -3.74 -16.98 -1.46
C18 O4V F . -8.03 -12.11 -7.58
C20 O4V F . -7.63 -10.29 -5.46
C21 O4V F . -5.99 -11.06 -3.32
C22 O4V F . -3.17 -16.91 -0.11
C23 O4V F . -8.65 -10.85 -7.62
C24 O4V F . -5.39 -12.01 -2.29
C25 O4V F . -8.44 -9.96 -6.55
C7 O4V F . -7.24 -12.42 -6.48
C8 O4V F . -4.88 -17.14 -4.01
N11 O4V F . -8.27 -15.04 -5.17
N3 O4V F . -6.59 -13.67 -6.41
N5 O4V F . -4.93 -15.04 -6.64
N6 O4V F . -5.31 -13.85 -6.91
O10 O4V F . -6.90 -17.89 -5.20
O19 O4V F . -6.25 -11.98 -4.40
O9 O4V F . -4.74 -17.96 -6.36
S4 O4V F . -5.63 -17.30 -5.46
H28 O4V F . -6.27 -15.67 -3.29
H29 O4V F . -3.31 -18.57 -4.43
H30 O4V F . -2.30 -18.43 -2.16
H31 O4V F . -5.28 -15.53 -1.03
H32 O4V F . -8.18 -12.82 -8.39
H33 O4V F . -7.49 -9.58 -4.64
H35 O4V F . -5.30 -10.27 -3.60
H34 O4V F . -6.90 -10.58 -2.96
H38 O4V F . -3.09 -17.90 0.31
H37 O4V F . -3.81 -16.31 0.54
H36 O4V F . -2.18 -16.46 -0.14
H39 O4V F . -9.27 -10.58 -8.46
H40 O4V F . -4.63 -12.66 -2.73
H41 O4V F . -6.16 -12.65 -1.85
H42 O4V F . -4.91 -11.46 -1.48
H43 O4V F . -8.91 -8.98 -6.60
H27 O4V F . -8.53 -15.91 -4.73
H26 O4V F . -8.96 -14.29 -5.14
C2 O3V G . 15.00 -2.48 -5.99
C3 O3V G . 15.63 -3.39 -5.04
C4 O3V G . 16.95 -3.13 -4.55
C5 O3V G . 17.59 -1.98 -5.01
C6 O3V G . 19.01 -1.64 -4.69
C7 O3V G . 19.63 -0.45 -5.41
C8 O3V G . 18.64 0.70 -5.54
C13 O3V G . 14.67 -4.41 -4.84
C17 O3V G . 11.08 -6.86 -5.88
C18 O3V G . 9.90 -6.14 -6.01
C19 O3V G . 9.92 -4.74 -5.99
C20 O3V G . 11.15 -4.06 -5.85
C21 O3V G . 18.17 1.12 -4.14
C22 O3V G . 19.29 1.89 -6.27
C25 O3V G . 17.85 -5.44 -3.90
C26 O3V G . 18.16 -6.19 -2.70
C27 O3V G . 18.03 -5.44 -1.57
C10 O3V G . 16.86 -1.10 -5.94
C15 O3V G . 12.31 -4.81 -5.74
C16 O3V G . 12.30 -6.20 -5.75
C24 O3V G . 17.47 -4.13 -3.61
C9 O3V G . 17.47 0.21 -6.41
N1 O3V G . 15.63 -1.31 -6.43
N11 O3V G . 13.57 -4.08 -5.62
N12 O3V G . 13.75 -2.90 -6.33
O14 O3V G . 19.71 -2.30 -3.89
O23 O3V G . 14.66 -5.48 -4.07
S28 O3V G . 17.53 -3.82 -1.90
H29 O3V G . 19.99 -0.75 -6.38
H30 O3V G . 20.52 -0.12 -4.86
H34 O3V G . 11.05 -7.95 -5.88
H35 O3V G . 8.94 -6.65 -6.11
H36 O3V G . 9.01 -4.16 -6.09
H37 O3V G . 11.17 -2.97 -5.84
H39 O3V G . 18.99 1.37 -3.48
H38 O3V G . 17.60 0.35 -3.64
H40 O3V G . 17.52 2.00 -4.16
H41 O3V G . 20.15 2.29 -5.73
H42 O3V G . 18.61 2.73 -6.40
H43 O3V G . 19.65 1.63 -7.26
H45 O3V G . 17.90 -5.86 -4.90
H46 O3V G . 18.46 -7.23 -2.74
H47 O3V G . 18.22 -5.76 -0.55
H33 O3V G . 13.22 -6.78 -5.67
H32 O3V G . 17.81 0.12 -7.44
H31 O3V G . 16.71 0.98 -6.44
H44 O3V G . 15.52 -5.49 -3.59
C2 O3V H . 1.00 -5.96 15.12
C3 O3V H . 0.54 -7.33 14.97
C4 O3V H . -0.40 -7.85 15.88
C5 O3V H . -0.86 -7.01 16.89
C6 O3V H . -1.74 -7.46 17.97
C7 O3V H . -2.08 -6.50 19.10
C8 O3V H . -2.18 -5.05 18.67
C13 O3V H . 1.24 -7.84 13.85
C17 O3V H . 3.64 -5.68 10.28
C18 O3V H . 4.39 -6.79 9.92
C19 O3V H . 4.39 -7.93 10.73
C20 O3V H . 3.62 -7.96 11.90
C21 O3V H . -3.37 -4.91 17.71
C22 O3V H . -2.33 -4.12 19.88
C25 O3V H . 0.10 -10.31 15.86
C26 O3V H . -0.51 -11.56 15.45
C27 O3V H . -1.76 -11.36 14.97
C10 O3V H . -0.37 -5.63 16.94
C15 O3V H . 2.88 -6.84 12.23
C16 O3V H . 2.88 -5.69 11.44
C24 O3V H . -0.74 -9.23 15.65
C9 O3V H . -0.87 -4.65 17.98
N1 O3V H . 0.53 -5.11 16.11
N11 O3V H . 2.04 -6.82 13.41
N12 O3V H . 1.93 -5.65 14.16
O14 O3V H . -2.20 -8.60 17.98
O23 O3V H . 1.19 -9.00 13.17
S28 O3V H . -2.26 -9.70 14.98
H29 O3V H . -3.02 -6.82 19.56
H30 O3V H . -1.33 -6.61 19.89
H34 O3V H . 3.65 -4.79 9.65
H35 O3V H . 4.98 -6.78 9.01
H36 O3V H . 4.98 -8.80 10.45
H37 O3V H . 3.62 -8.85 12.54
H39 O3V H . -3.53 -3.88 17.40
H38 O3V H . -3.25 -5.47 16.80
H40 O3V H . -4.30 -5.23 18.15
H41 O3V H . -1.49 -4.17 20.56
H42 O3V H . -2.42 -3.07 19.60
H43 O3V H . -3.22 -4.35 20.48
H45 O3V H . 1.11 -10.26 16.27
H46 O3V H . 0.00 -12.52 15.54
H47 O3V H . -2.45 -12.13 14.60
H33 O3V H . 2.29 -4.82 11.73
H32 O3V H . -0.11 -4.50 18.74
H31 O3V H . -1.01 -3.67 17.52
H44 O3V H . 0.50 -9.56 13.61
#